data_3A79
#
_entry.id   3A79
#
_cell.length_a   168.901
_cell.length_b   168.901
_cell.length_c   231.353
_cell.angle_alpha   90.00
_cell.angle_beta   90.00
_cell.angle_gamma   120.00
#
_symmetry.space_group_name_H-M   'P 61 2 2'
#
loop_
_entity.id
_entity.type
_entity.pdbx_description
1 polymer 'Toll-like receptor 2, Variable lymphocyte receptor B'
2 polymer 'Toll-like receptor 6, Variable lymphocyte receptor B'
3 polymer Pam2CSK4
4 branched 2-acetamido-2-deoxy-beta-D-glucopyranose-(1-4)-2-acetamido-2-deoxy-beta-D-glucopyranose
5 branched beta-D-mannopyranose-(1-4)-2-acetamido-2-deoxy-beta-D-glucopyranose-(1-4)-2-acetamido-2-deoxy-beta-D-glucopyranose
6 non-polymer 2-acetamido-2-deoxy-beta-D-glucopyranose
7 non-polymer '(2S)-propane-1,2-diyl dihexadecanoate'
#
loop_
_entity_poly.entity_id
_entity_poly.type
_entity_poly.pdbx_seq_one_letter_code
_entity_poly.pdbx_strand_id
1 'polypeptide(L)'
;MLRALWLFWILVAITVLFSKRCSAQESLSCDASGVCDGRSRSFTSIPSGLTAAMKSLDLSFNKITYIGHGDLRACANLQV
LILKSSRINTIEGDAFYSLGSLEHLDLSDNHLSSLSSSWFGPLSSLKYLNLMGNPYQTLGVTSLFPNLTNLQTLRIGNVE
TFSEIRRIDFAGLTSLNELEIKALSLRNYQSQSLKSIRDIHHLTLHLSESAFLLEIFADILSSVRYLELRDTNLARFQFS
PLPVDEVSSPMKKLAFRGSVLTDESFNELLKLLRYILELSEVEFDDCTLNGLGDFNPSESDVVSELGKVETVTIRRLHIP
QFYLFYDLSTVYSLLEKVKRITVENSKVFLVPCSFSQHLKSLEFLDLSENLMVEEYLKNSACKGAWPSLQTLVLSQNHLR
SMQKTGEILLTLKNLTSLDISRNTFHPMPDSCQWPEKMRFLNLSSTGIRVVKTCIPQTLEVLDVSNNNLDSFSLFLPRLQ
ELYISRNKLKTLPDASLFPVLLVMKIASNQLKSVPDGIFDRLTSLQKIWLHTNPWDCSCPRIDYLSRWLNKNSQKEQGSA
KCSGSGKPVRSIICPTLVPR
;
A
2 'polypeptide(L)'
;MSQDRKPIVGSFHFVCALALIVGSMTPFSNELESMVDYSNRNLTHVPKDLPPRTKALSLSQNSISELRMPDISFLSELRV
LRLSHNRIRSLDFHVFLFNQDLEYLDVSHNRLQNISCCPMASLRHLDLSFNDFDVLPVCKEFGNLTKLTFLGLSAAKFRQ
LDLLPVAHLHLSCILLDLVSYHIKGGETESLQIPNTTVLHLVFHPNSLFSVQVNMSVNALGHLQLSNIKLNDENCQRLMT
FLSELTRGPTLLNVTLQHIETTWKCSVKLFQFFWPRPVEYLNIYNLTITERIDREEFTYSETALKSLMIEHVKNQVFLFS
KEALYSVFAEMNIKMLSISDTPFIHMVCPPSPSSFTFLNFTQNVFTDSVFQGCSTLKRLQTLILQRNGLKNFFKVALMTK
NMSSLETLDVSLNSLNSHAYDRTCAWAESILVLNLSSNMLTGSVFRCLPPKVKVLDLHNNRIMSIPKDVTHLQALQELNV
ASNQLKSVPDGVFDRLTSLQYIWLHDNPWDCTCPGIRYLSEWINKHSGVVRNSAGSVAPDSAKCSGSGKPVRSIICPTLV
PR
;
B
3 'polypeptide(L)' CSKKKK C
#
loop_
_chem_comp.id
_chem_comp.type
_chem_comp.name
_chem_comp.formula
BMA D-saccharide, beta linking beta-D-mannopyranose 'C6 H12 O6'
NAG D-saccharide, beta linking 2-acetamido-2-deoxy-beta-D-glucopyranose 'C8 H15 N O6'
PXS non-polymer '(2S)-propane-1,2-diyl dihexadecanoate' 'C35 H68 O4'
#
# COMPACT_ATOMS: atom_id res chain seq x y z
N GLU A 26 37.17 -24.34 23.47
CA GLU A 26 37.79 -25.11 24.55
C GLU A 26 37.87 -24.29 25.84
N SER A 27 37.16 -23.17 25.86
CA SER A 27 37.27 -22.19 26.95
C SER A 27 35.93 -21.82 27.58
N LEU A 28 35.86 -21.89 28.91
CA LEU A 28 34.73 -21.30 29.62
C LEU A 28 35.19 -19.94 30.15
N SER A 29 34.31 -18.95 30.05
CA SER A 29 34.63 -17.60 30.52
C SER A 29 34.05 -17.31 31.92
N CYS A 30 33.33 -16.20 32.02
CA CYS A 30 32.60 -15.78 33.22
C CYS A 30 32.69 -14.26 33.43
N ASP A 31 32.02 -13.76 34.47
CA ASP A 31 32.10 -12.34 34.83
C ASP A 31 32.04 -12.13 36.35
N ALA A 32 32.12 -10.88 36.78
CA ALA A 32 32.23 -10.53 38.20
C ALA A 32 31.03 -10.98 39.04
N SER A 33 29.83 -10.66 38.58
CA SER A 33 28.59 -11.07 39.24
C SER A 33 28.58 -12.56 39.58
N GLY A 34 28.89 -13.37 38.57
CA GLY A 34 28.91 -14.80 38.72
C GLY A 34 28.22 -15.43 37.53
N VAL A 35 28.19 -14.69 36.43
CA VAL A 35 27.48 -15.10 35.23
C VAL A 35 28.41 -15.73 34.18
N CYS A 36 28.74 -17.00 34.39
CA CYS A 36 29.62 -17.73 33.49
C CYS A 36 28.94 -18.02 32.14
N ASP A 37 29.66 -17.85 31.04
CA ASP A 37 29.13 -18.12 29.71
C ASP A 37 29.98 -19.15 28.94
N GLY A 38 29.52 -20.40 28.90
CA GLY A 38 30.21 -21.41 28.13
C GLY A 38 29.43 -21.86 26.92
N ARG A 39 28.98 -20.90 26.10
CA ARG A 39 28.10 -21.19 24.97
C ARG A 39 28.73 -22.15 23.95
N SER A 40 28.88 -21.72 22.71
CA SER A 40 29.15 -22.68 21.64
C SER A 40 30.57 -23.25 21.52
N ARG A 41 31.35 -23.18 22.60
CA ARG A 41 32.62 -23.92 22.67
C ARG A 41 32.30 -25.41 22.55
N SER A 42 32.81 -26.08 21.53
CA SER A 42 32.35 -27.43 21.26
C SER A 42 32.76 -28.40 22.34
N PHE A 43 31.90 -28.53 23.35
CA PHE A 43 32.14 -29.43 24.48
C PHE A 43 31.52 -30.81 24.25
N THR A 44 32.11 -31.81 24.90
CA THR A 44 31.59 -33.16 24.86
C THR A 44 31.24 -33.57 26.29
N SER A 45 31.56 -32.69 27.23
CA SER A 45 31.30 -32.92 28.64
C SER A 45 31.10 -31.59 29.35
N ILE A 46 30.40 -31.62 30.47
CA ILE A 46 30.24 -30.43 31.29
C ILE A 46 31.64 -29.96 31.65
N PRO A 47 31.97 -28.70 31.34
CA PRO A 47 33.25 -28.08 31.70
C PRO A 47 33.75 -28.48 33.08
N SER A 48 34.94 -29.06 33.11
CA SER A 48 35.60 -29.46 34.35
C SER A 48 35.82 -28.23 35.23
N GLY A 49 35.93 -28.46 36.54
CA GLY A 49 36.17 -27.38 37.47
C GLY A 49 35.14 -26.27 37.40
N LEU A 50 34.13 -26.39 38.24
CA LEU A 50 33.10 -25.38 38.37
C LEU A 50 33.12 -24.85 39.80
N THR A 51 32.83 -23.56 39.98
CA THR A 51 33.04 -22.90 41.25
C THR A 51 31.75 -22.57 41.97
N ALA A 52 31.80 -22.50 43.29
CA ALA A 52 30.63 -22.10 44.08
C ALA A 52 30.39 -20.58 44.00
N ALA A 53 31.10 -19.95 43.06
CA ALA A 53 30.92 -18.54 42.76
C ALA A 53 29.95 -18.37 41.61
N MET A 54 29.89 -19.39 40.75
CA MET A 54 29.01 -19.39 39.60
C MET A 54 27.55 -19.29 40.05
N LYS A 55 26.84 -18.30 39.51
CA LYS A 55 25.44 -18.09 39.81
C LYS A 55 24.58 -18.46 38.59
N SER A 56 25.17 -18.32 37.40
CA SER A 56 24.45 -18.57 36.16
C SER A 56 25.38 -19.24 35.17
N LEU A 57 25.17 -20.53 34.93
CA LEU A 57 25.94 -21.27 33.93
C LEU A 57 25.14 -21.42 32.64
N ASP A 58 25.75 -21.12 31.50
CA ASP A 58 25.14 -21.32 30.20
C ASP A 58 26.03 -22.17 29.29
N LEU A 59 25.70 -23.45 29.15
CA LEU A 59 26.46 -24.36 28.31
C LEU A 59 25.62 -24.83 27.13
N SER A 60 25.02 -23.89 26.42
CA SER A 60 24.15 -24.23 25.30
C SER A 60 24.87 -24.55 23.98
N PHE A 61 24.27 -25.44 23.19
CA PHE A 61 24.69 -25.73 21.82
C PHE A 61 26.00 -26.49 21.74
N ASN A 62 26.17 -27.50 22.57
CA ASN A 62 27.35 -28.34 22.52
C ASN A 62 26.96 -29.80 22.35
N LYS A 63 27.96 -30.68 22.44
CA LYS A 63 27.69 -32.10 22.40
C LYS A 63 27.85 -32.69 23.79
N ILE A 64 27.19 -32.09 24.77
CA ILE A 64 27.18 -32.65 26.12
C ILE A 64 26.22 -33.80 26.14
N THR A 65 26.52 -34.81 25.34
CA THR A 65 25.72 -36.00 25.23
C THR A 65 25.40 -36.59 26.60
N TYR A 66 26.36 -36.54 27.52
CA TYR A 66 26.20 -37.19 28.83
C TYR A 66 26.48 -36.26 30.01
N ILE A 67 25.51 -36.18 30.92
CA ILE A 67 25.73 -35.54 32.20
C ILE A 67 25.81 -36.62 33.29
N GLY A 68 26.89 -36.58 34.07
CA GLY A 68 27.19 -37.64 35.01
C GLY A 68 26.82 -37.34 36.45
N HIS A 69 27.22 -38.22 37.36
CA HIS A 69 26.83 -38.09 38.76
C HIS A 69 27.43 -36.84 39.41
N GLY A 70 28.73 -36.64 39.22
CA GLY A 70 29.46 -35.53 39.82
C GLY A 70 29.60 -34.26 38.98
N ASP A 71 29.17 -34.27 37.72
CA ASP A 71 29.36 -33.13 36.82
C ASP A 71 28.98 -31.76 37.39
N LEU A 72 27.97 -31.70 38.26
CA LEU A 72 27.52 -30.40 38.76
C LEU A 72 27.39 -30.34 40.28
N ARG A 73 28.38 -30.86 41.00
CA ARG A 73 28.37 -30.82 42.46
C ARG A 73 29.02 -29.52 42.94
N ALA A 74 30.00 -29.07 42.19
CA ALA A 74 30.76 -27.88 42.56
C ALA A 74 29.90 -26.61 42.63
N CYS A 75 29.17 -26.32 41.55
CA CYS A 75 28.36 -25.08 41.45
C CYS A 75 27.01 -25.13 42.20
N ALA A 76 27.08 -25.40 43.49
CA ALA A 76 25.89 -25.55 44.32
C ALA A 76 25.15 -24.25 44.61
N ASN A 77 25.67 -23.12 44.12
CA ASN A 77 25.04 -21.83 44.37
C ASN A 77 24.39 -21.29 43.12
N LEU A 78 24.32 -22.17 42.12
CA LEU A 78 23.85 -21.83 40.78
C LEU A 78 22.36 -21.53 40.84
N GLN A 79 21.96 -20.38 40.28
CA GLN A 79 20.56 -20.02 40.21
C GLN A 79 19.96 -20.35 38.82
N VAL A 80 20.84 -20.46 37.84
CA VAL A 80 20.43 -20.61 36.45
C VAL A 80 21.35 -21.55 35.67
N LEU A 81 20.79 -22.64 35.18
CA LEU A 81 21.55 -23.57 34.35
C LEU A 81 20.88 -23.67 32.99
N ILE A 82 21.54 -23.12 31.98
CA ILE A 82 20.98 -23.08 30.63
C ILE A 82 21.68 -24.13 29.75
N LEU A 83 20.95 -25.19 29.41
CA LEU A 83 21.51 -26.31 28.67
C LEU A 83 20.79 -26.54 27.34
N LYS A 84 20.11 -25.49 26.87
CA LYS A 84 19.29 -25.54 25.66
C LYS A 84 20.05 -26.06 24.45
N SER A 85 19.40 -26.94 23.70
CA SER A 85 19.88 -27.37 22.39
C SER A 85 21.31 -27.88 22.34
N SER A 86 21.78 -28.48 23.43
CA SER A 86 23.03 -29.22 23.36
C SER A 86 22.70 -30.59 22.76
N ARG A 87 23.40 -31.62 23.19
CA ARG A 87 23.14 -32.90 22.57
C ARG A 87 22.70 -33.91 23.60
N ILE A 88 22.21 -33.39 24.71
CA ILE A 88 21.98 -34.23 25.89
C ILE A 88 21.01 -35.37 25.63
N ASN A 89 21.49 -36.61 25.76
CA ASN A 89 20.60 -37.75 25.60
C ASN A 89 20.46 -38.64 26.83
N THR A 90 21.34 -38.47 27.81
CA THR A 90 21.14 -39.20 29.06
C THR A 90 21.75 -38.48 30.27
N ILE A 91 20.92 -38.26 31.29
CA ILE A 91 21.33 -37.54 32.49
C ILE A 91 21.15 -38.44 33.69
N GLU A 92 22.25 -38.78 34.36
CA GLU A 92 22.14 -39.60 35.55
C GLU A 92 21.09 -39.04 36.49
N GLY A 93 20.40 -39.92 37.21
CA GLY A 93 19.25 -39.51 38.01
C GLY A 93 19.53 -38.40 39.00
N ASP A 94 20.68 -38.45 39.66
CA ASP A 94 21.06 -37.50 40.72
C ASP A 94 21.98 -36.36 40.26
N ALA A 95 22.02 -36.14 38.96
CA ALA A 95 22.84 -35.12 38.38
C ALA A 95 22.61 -33.78 39.04
N PHE A 96 21.39 -33.54 39.48
CA PHE A 96 21.05 -32.19 39.92
C PHE A 96 20.86 -32.03 41.44
N TYR A 97 21.13 -33.10 42.19
CA TYR A 97 20.89 -33.13 43.64
C TYR A 97 21.52 -31.99 44.47
N SER A 98 22.66 -31.47 44.05
CA SER A 98 23.33 -30.50 44.91
C SER A 98 23.01 -29.07 44.49
N LEU A 99 22.13 -28.91 43.51
CA LEU A 99 21.78 -27.60 42.97
C LEU A 99 20.62 -26.88 43.70
N GLY A 100 20.46 -27.16 44.99
CA GLY A 100 19.32 -26.71 45.76
C GLY A 100 18.91 -25.24 45.78
N SER A 101 19.60 -24.39 45.03
CA SER A 101 19.27 -22.97 44.99
C SER A 101 18.84 -22.60 43.58
N LEU A 102 18.88 -23.60 42.71
CA LEU A 102 18.67 -23.41 41.29
C LEU A 102 17.23 -23.06 41.03
N GLU A 103 16.98 -21.97 40.31
CA GLU A 103 15.61 -21.60 40.05
C GLU A 103 15.20 -21.61 38.55
N HIS A 104 16.19 -21.51 37.66
CA HIS A 104 15.95 -21.55 36.22
C HIS A 104 16.68 -22.74 35.58
N LEU A 105 15.93 -23.71 35.07
CA LEU A 105 16.52 -24.88 34.42
C LEU A 105 15.95 -25.08 33.03
N ASP A 106 16.83 -25.03 32.03
CA ASP A 106 16.41 -25.06 30.64
C ASP A 106 17.05 -26.24 29.90
N LEU A 107 16.28 -27.30 29.71
CA LEU A 107 16.75 -28.50 29.01
C LEU A 107 16.13 -28.65 27.64
N SER A 108 15.49 -27.59 27.16
CA SER A 108 14.84 -27.65 25.85
C SER A 108 15.77 -28.08 24.71
N ASP A 109 15.19 -28.77 23.72
CA ASP A 109 15.83 -29.06 22.43
C ASP A 109 16.97 -30.06 22.48
N ASN A 110 16.81 -31.09 23.31
CA ASN A 110 17.80 -32.13 23.42
C ASN A 110 17.20 -33.45 23.01
N HIS A 111 17.95 -34.54 23.14
CA HIS A 111 17.46 -35.86 22.74
C HIS A 111 17.07 -36.68 23.94
N LEU A 112 16.43 -36.04 24.91
CA LEU A 112 15.89 -36.73 26.07
C LEU A 112 14.72 -37.66 25.69
N SER A 113 15.03 -38.93 25.47
CA SER A 113 14.06 -39.87 24.92
C SER A 113 12.94 -40.11 25.91
N SER A 114 13.21 -39.76 27.16
CA SER A 114 12.23 -39.94 28.22
C SER A 114 12.77 -39.26 29.47
N LEU A 115 11.87 -39.00 30.42
CA LEU A 115 12.19 -38.14 31.56
C LEU A 115 12.23 -38.92 32.87
N SER A 116 13.01 -38.45 33.83
CA SER A 116 13.16 -39.15 35.09
C SER A 116 12.57 -38.32 36.25
N SER A 117 11.83 -38.98 37.14
CA SER A 117 11.20 -38.29 38.25
C SER A 117 12.25 -37.76 39.23
N SER A 118 13.46 -38.28 39.10
CA SER A 118 14.56 -38.02 40.03
C SER A 118 15.29 -36.69 39.79
N TRP A 119 15.25 -36.21 38.55
CA TRP A 119 15.98 -35.00 38.21
C TRP A 119 15.51 -33.76 38.95
N PHE A 120 14.22 -33.71 39.26
CA PHE A 120 13.61 -32.47 39.70
C PHE A 120 13.26 -32.43 41.19
N GLY A 121 13.38 -33.58 41.85
CA GLY A 121 12.98 -33.72 43.24
C GLY A 121 13.67 -32.80 44.22
N PRO A 122 15.01 -32.72 44.14
CA PRO A 122 15.89 -31.90 44.99
C PRO A 122 15.85 -30.43 44.65
N LEU A 123 15.26 -30.04 43.52
CA LEU A 123 15.24 -28.63 43.13
C LEU A 123 14.08 -27.82 43.70
N SER A 124 13.82 -27.95 45.00
CA SER A 124 12.78 -27.18 45.69
C SER A 124 12.84 -25.65 45.48
N SER A 125 13.89 -25.15 44.82
CA SER A 125 14.00 -23.72 44.59
C SER A 125 13.61 -23.30 43.16
N LEU A 126 13.24 -24.29 42.35
CA LEU A 126 13.04 -24.11 40.92
C LEU A 126 11.80 -23.27 40.62
N LYS A 127 11.97 -22.23 39.81
CA LYS A 127 10.85 -21.40 39.39
C LYS A 127 10.48 -21.65 37.91
N TYR A 128 11.50 -22.01 37.12
CA TYR A 128 11.36 -22.11 35.69
C TYR A 128 11.99 -23.41 35.18
N LEU A 129 11.25 -24.17 34.40
CA LEU A 129 11.69 -25.47 33.90
C LEU A 129 11.17 -25.69 32.48
N ASN A 130 12.05 -25.54 31.50
CA ASN A 130 11.69 -25.72 30.10
C ASN A 130 12.18 -27.07 29.54
N LEU A 131 11.23 -27.94 29.26
CA LEU A 131 11.53 -29.29 28.80
C LEU A 131 11.17 -29.55 27.33
N MET A 132 10.56 -28.57 26.65
CA MET A 132 10.16 -28.74 25.24
C MET A 132 11.33 -29.14 24.36
N GLY A 133 11.04 -29.81 23.25
CA GLY A 133 12.07 -30.04 22.24
C GLY A 133 12.72 -31.39 22.34
N ASN A 134 12.21 -32.23 23.23
CA ASN A 134 12.78 -33.55 23.46
C ASN A 134 11.79 -34.64 23.04
N PRO A 135 12.29 -35.66 22.34
CA PRO A 135 11.59 -36.77 21.70
C PRO A 135 10.90 -37.72 22.66
N TYR A 136 10.45 -37.24 23.80
CA TYR A 136 9.73 -38.12 24.70
C TYR A 136 8.27 -38.25 24.27
N GLN A 137 7.68 -39.42 24.49
CA GLN A 137 6.30 -39.67 24.04
C GLN A 137 5.27 -39.19 25.05
N THR A 138 5.64 -39.24 26.32
CA THR A 138 4.80 -38.76 27.43
C THR A 138 5.74 -38.19 28.48
N LEU A 139 5.20 -37.79 29.62
CA LEU A 139 6.06 -37.33 30.72
C LEU A 139 6.43 -38.48 31.65
N GLY A 140 6.41 -39.70 31.16
CA GLY A 140 6.74 -40.84 31.99
C GLY A 140 5.68 -41.23 33.01
N VAL A 141 5.90 -42.37 33.65
CA VAL A 141 4.89 -43.00 34.49
C VAL A 141 4.86 -42.54 35.95
N THR A 142 5.69 -41.58 36.32
CA THR A 142 5.64 -41.00 37.67
C THR A 142 5.60 -39.48 37.57
N SER A 143 4.77 -38.84 38.39
CA SER A 143 4.61 -37.39 38.33
C SER A 143 5.98 -36.73 38.43
N LEU A 144 6.26 -35.75 37.58
CA LEU A 144 7.55 -35.11 37.62
C LEU A 144 7.60 -33.93 38.59
N PHE A 145 6.47 -33.26 38.76
CA PHE A 145 6.48 -31.94 39.39
C PHE A 145 5.84 -31.77 40.78
N PRO A 146 5.55 -32.87 41.49
CA PRO A 146 4.71 -32.70 42.67
C PRO A 146 5.38 -31.90 43.79
N ASN A 147 6.71 -31.98 43.87
CA ASN A 147 7.44 -31.35 44.97
C ASN A 147 8.15 -30.09 44.47
N LEU A 148 7.44 -29.23 43.77
CA LEU A 148 8.05 -28.02 43.23
C LEU A 148 7.21 -26.83 43.59
N THR A 149 6.97 -26.67 44.89
CA THR A 149 6.13 -25.62 45.44
C THR A 149 6.46 -24.22 44.95
N ASN A 150 7.60 -24.07 44.29
CA ASN A 150 8.03 -22.75 43.84
C ASN A 150 7.94 -22.51 42.33
N LEU A 151 7.36 -23.47 41.61
CA LEU A 151 7.32 -23.44 40.15
C LEU A 151 6.33 -22.40 39.65
N GLN A 152 6.75 -21.63 38.64
CA GLN A 152 5.92 -20.55 38.08
C GLN A 152 5.78 -20.69 36.57
N THR A 153 6.70 -21.44 35.96
CA THR A 153 6.71 -21.56 34.51
C THR A 153 7.12 -22.93 34.01
N LEU A 154 6.17 -23.70 33.49
CA LEU A 154 6.43 -25.02 32.90
C LEU A 154 6.26 -25.02 31.38
N ARG A 155 7.21 -25.61 30.66
CA ARG A 155 7.10 -25.77 29.22
C ARG A 155 7.45 -27.20 28.83
N ILE A 156 6.45 -27.97 28.42
CA ILE A 156 6.70 -29.34 28.02
C ILE A 156 6.15 -29.57 26.62
N GLY A 157 6.36 -30.78 26.10
CA GLY A 157 5.81 -31.16 24.83
C GLY A 157 6.78 -31.02 23.67
N ASN A 158 6.35 -31.48 22.50
CA ASN A 158 7.13 -31.37 21.27
C ASN A 158 6.25 -31.48 20.04
N VAL A 159 6.85 -31.25 18.89
CA VAL A 159 6.12 -31.24 17.63
C VAL A 159 5.68 -32.62 17.12
N GLU A 160 6.57 -33.60 17.18
CA GLU A 160 6.34 -34.85 16.44
C GLU A 160 6.14 -36.13 17.26
N THR A 161 6.27 -36.08 18.58
CA THR A 161 6.19 -37.33 19.36
C THR A 161 5.41 -37.28 20.67
N PHE A 162 5.26 -36.09 21.24
CA PHE A 162 4.47 -35.99 22.47
C PHE A 162 3.03 -36.32 22.15
N SER A 163 2.56 -37.46 22.65
CA SER A 163 1.32 -38.05 22.18
C SER A 163 0.24 -38.29 23.26
N GLU A 164 0.65 -38.42 24.52
CA GLU A 164 -0.32 -38.61 25.60
C GLU A 164 -0.27 -37.52 26.66
N ILE A 165 -1.40 -37.29 27.31
CA ILE A 165 -1.47 -36.39 28.45
C ILE A 165 -2.32 -37.06 29.51
N ARG A 166 -1.70 -37.48 30.61
CA ARG A 166 -2.42 -38.22 31.63
C ARG A 166 -2.71 -37.38 32.87
N ARG A 167 -3.58 -37.89 33.72
CA ARG A 167 -4.03 -37.15 34.88
C ARG A 167 -2.93 -36.96 35.94
N ILE A 168 -1.94 -37.86 35.92
CA ILE A 168 -0.81 -37.74 36.86
C ILE A 168 0.11 -36.58 36.49
N ASP A 169 0.24 -36.34 35.18
CA ASP A 169 1.27 -35.45 34.66
C ASP A 169 1.43 -34.09 35.38
N PHE A 170 0.34 -33.52 35.89
CA PHE A 170 0.40 -32.21 36.57
C PHE A 170 -0.07 -32.24 38.03
N ALA A 171 0.18 -33.36 38.71
CA ALA A 171 -0.22 -33.51 40.09
C ALA A 171 0.74 -32.74 40.98
N GLY A 172 0.20 -32.08 41.99
CA GLY A 172 1.03 -31.33 42.92
C GLY A 172 1.27 -29.91 42.47
N LEU A 173 0.79 -29.56 41.27
CA LEU A 173 0.82 -28.20 40.79
C LEU A 173 -0.51 -27.53 41.09
N THR A 174 -0.47 -26.39 41.79
CA THR A 174 -1.69 -25.69 42.15
C THR A 174 -1.81 -24.36 41.41
N SER A 175 -0.68 -23.69 41.17
CA SER A 175 -0.69 -22.42 40.46
C SER A 175 0.51 -22.35 39.52
N LEU A 176 0.37 -21.64 38.41
CA LEU A 176 1.47 -21.42 37.45
C LEU A 176 1.22 -20.12 36.74
N ASN A 177 2.29 -19.40 36.41
CA ASN A 177 2.18 -18.14 35.69
C ASN A 177 2.03 -18.45 34.23
N GLU A 178 2.90 -19.32 33.75
CA GLU A 178 2.94 -19.70 32.36
C GLU A 178 3.03 -21.21 32.28
N LEU A 179 2.04 -21.84 31.65
CA LEU A 179 2.11 -23.25 31.30
C LEU A 179 2.09 -23.28 29.80
N GLU A 180 2.97 -24.08 29.20
CA GLU A 180 3.01 -24.19 27.75
C GLU A 180 3.11 -25.66 27.29
N ILE A 181 1.97 -26.24 26.95
CA ILE A 181 1.92 -27.60 26.45
C ILE A 181 2.01 -27.62 24.92
N LYS A 182 3.12 -28.14 24.40
CA LYS A 182 3.26 -28.30 22.95
C LYS A 182 2.90 -29.73 22.52
N ALA A 183 1.64 -29.96 22.19
CA ALA A 183 1.15 -31.31 21.95
C ALA A 183 0.52 -31.49 20.57
N LEU A 184 1.21 -31.04 19.52
CA LEU A 184 0.69 -31.14 18.16
C LEU A 184 0.26 -32.56 17.79
N SER A 185 0.95 -33.56 18.32
CA SER A 185 0.69 -34.94 17.94
C SER A 185 -0.11 -35.65 18.99
N LEU A 186 -0.85 -34.90 19.81
CA LEU A 186 -1.66 -35.47 20.89
C LEU A 186 -2.61 -36.56 20.38
N ARG A 187 -2.24 -37.82 20.56
CA ARG A 187 -3.07 -38.93 20.12
C ARG A 187 -4.15 -39.26 21.15
N ASN A 188 -3.91 -38.83 22.38
CA ASN A 188 -4.84 -39.14 23.47
C ASN A 188 -4.65 -38.22 24.67
N TYR A 189 -5.75 -37.67 25.16
CA TYR A 189 -5.74 -36.78 26.30
C TYR A 189 -6.73 -37.30 27.32
N GLN A 190 -6.21 -37.97 28.35
CA GLN A 190 -7.04 -38.44 29.44
C GLN A 190 -7.91 -37.32 30.02
N SER A 191 -9.16 -37.66 30.32
CA SER A 191 -10.09 -36.70 30.87
C SER A 191 -9.61 -36.15 32.22
N GLN A 192 -9.65 -34.82 32.36
CA GLN A 192 -9.43 -34.12 33.62
C GLN A 192 -7.97 -33.90 34.02
N SER A 193 -7.06 -34.00 33.06
CA SER A 193 -5.65 -33.74 33.30
C SER A 193 -5.37 -32.32 33.80
N LEU A 194 -5.87 -31.30 33.09
CA LEU A 194 -5.62 -29.90 33.48
C LEU A 194 -6.54 -29.35 34.59
N LYS A 195 -7.48 -30.16 35.06
CA LYS A 195 -8.51 -29.63 35.99
C LYS A 195 -8.03 -29.45 37.44
N SER A 196 -7.05 -30.24 37.86
CA SER A 196 -6.54 -30.17 39.24
C SER A 196 -5.83 -28.85 39.51
N ILE A 197 -5.19 -28.31 38.46
CA ILE A 197 -4.51 -27.03 38.55
C ILE A 197 -5.50 -25.90 38.79
N ARG A 198 -5.37 -25.25 39.95
CA ARG A 198 -6.33 -24.25 40.41
C ARG A 198 -6.30 -22.92 39.66
N ASP A 199 -5.09 -22.48 39.28
CA ASP A 199 -4.91 -21.18 38.66
C ASP A 199 -3.76 -21.24 37.65
N ILE A 200 -4.04 -20.81 36.42
CA ILE A 200 -3.00 -20.71 35.37
C ILE A 200 -3.07 -19.36 34.68
N HIS A 201 -2.01 -18.56 34.78
CA HIS A 201 -2.12 -17.17 34.33
C HIS A 201 -2.12 -17.06 32.83
N HIS A 202 -1.39 -17.97 32.18
CA HIS A 202 -1.29 -17.95 30.73
C HIS A 202 -0.87 -19.33 30.23
N LEU A 203 -1.85 -20.03 29.68
CA LEU A 203 -1.66 -21.35 29.09
C LEU A 203 -1.54 -21.20 27.59
N THR A 204 -0.41 -21.66 27.05
CA THR A 204 -0.20 -21.71 25.61
C THR A 204 -0.27 -23.16 25.18
N LEU A 205 -1.31 -23.48 24.40
CA LEU A 205 -1.50 -24.82 23.83
C LEU A 205 -1.14 -24.87 22.35
N HIS A 206 -0.40 -25.88 21.93
CA HIS A 206 -0.22 -26.16 20.51
C HIS A 206 -0.93 -27.46 20.16
N LEU A 207 -2.08 -27.35 19.49
CA LEU A 207 -2.75 -28.54 18.96
C LEU A 207 -2.84 -28.36 17.44
N SER A 208 -2.64 -29.45 16.70
CA SER A 208 -2.71 -29.42 15.23
C SER A 208 -4.13 -29.50 14.69
N GLU A 209 -5.06 -29.95 15.54
CA GLU A 209 -6.44 -30.14 15.15
C GLU A 209 -7.40 -30.18 16.34
N SER A 210 -8.70 -30.09 16.08
CA SER A 210 -9.70 -29.77 17.10
C SER A 210 -10.15 -30.91 18.01
N ALA A 211 -9.73 -32.13 17.69
CA ALA A 211 -10.22 -33.34 18.36
C ALA A 211 -10.27 -33.32 19.89
N PHE A 212 -9.41 -32.54 20.52
CA PHE A 212 -9.40 -32.55 21.97
C PHE A 212 -9.69 -31.19 22.57
N LEU A 213 -9.77 -30.16 21.72
CA LEU A 213 -9.99 -28.79 22.20
C LEU A 213 -11.20 -28.68 23.12
N LEU A 214 -12.35 -29.22 22.71
CA LEU A 214 -13.53 -29.19 23.56
C LEU A 214 -13.29 -29.83 24.93
N GLU A 215 -12.69 -31.01 24.93
CA GLU A 215 -12.38 -31.71 26.18
C GLU A 215 -11.43 -30.92 27.13
N ILE A 216 -10.38 -30.32 26.57
CA ILE A 216 -9.41 -29.57 27.34
C ILE A 216 -9.97 -28.23 27.82
N PHE A 217 -10.66 -27.54 26.93
CA PHE A 217 -11.29 -26.25 27.25
C PHE A 217 -12.19 -26.37 28.49
N ALA A 218 -12.78 -27.55 28.69
CA ALA A 218 -13.68 -27.74 29.82
C ALA A 218 -12.89 -27.84 31.10
N ASP A 219 -11.67 -28.38 30.99
CA ASP A 219 -10.83 -28.65 32.14
C ASP A 219 -10.15 -27.41 32.68
N ILE A 220 -10.11 -26.35 31.88
CA ILE A 220 -9.42 -25.11 32.24
C ILE A 220 -10.39 -23.94 32.45
N LEU A 221 -11.66 -24.24 32.60
CA LEU A 221 -12.65 -23.18 32.68
C LEU A 221 -12.49 -22.33 33.91
N SER A 222 -11.97 -22.93 34.98
CA SER A 222 -11.88 -22.22 36.26
C SER A 222 -10.46 -21.84 36.63
N SER A 223 -9.51 -22.23 35.79
CA SER A 223 -8.09 -21.98 36.09
C SER A 223 -7.43 -20.95 35.19
N VAL A 224 -7.56 -21.14 33.88
CA VAL A 224 -6.88 -20.25 32.91
C VAL A 224 -7.44 -18.84 32.84
N ARG A 225 -6.52 -17.89 32.73
CA ARG A 225 -6.82 -16.47 32.73
C ARG A 225 -6.51 -15.92 31.35
N TYR A 226 -5.74 -16.68 30.59
CA TYR A 226 -5.39 -16.28 29.24
C TYR A 226 -5.04 -17.54 28.46
N LEU A 227 -5.85 -17.84 27.45
CA LEU A 227 -5.66 -19.02 26.63
C LEU A 227 -5.12 -18.62 25.26
N GLU A 228 -3.98 -19.20 24.90
CA GLU A 228 -3.39 -18.97 23.60
C GLU A 228 -3.36 -20.31 22.89
N LEU A 229 -4.10 -20.41 21.80
CA LEU A 229 -4.19 -21.66 21.04
C LEU A 229 -3.39 -21.51 19.75
N ARG A 230 -2.49 -22.46 19.51
CA ARG A 230 -1.52 -22.33 18.42
C ARG A 230 -1.53 -23.43 17.34
N ASP A 231 -1.50 -23.00 16.08
CA ASP A 231 -1.27 -23.90 14.95
C ASP A 231 -2.36 -24.95 14.72
N THR A 232 -3.60 -24.60 15.06
CA THR A 232 -4.69 -25.55 15.02
C THR A 232 -5.51 -25.52 13.71
N ASN A 233 -5.76 -26.69 13.13
CA ASN A 233 -6.77 -26.81 12.11
C ASN A 233 -8.16 -26.87 12.75
N LEU A 234 -8.87 -25.77 12.65
CA LEU A 234 -10.20 -25.62 13.25
C LEU A 234 -11.27 -25.77 12.15
N ALA A 235 -10.81 -26.14 10.96
CA ALA A 235 -11.65 -26.22 9.78
C ALA A 235 -12.99 -26.87 10.03
N ARG A 236 -12.98 -28.04 10.66
CA ARG A 236 -14.24 -28.74 10.91
C ARG A 236 -14.48 -28.89 12.40
N PHE A 237 -14.41 -27.77 13.11
CA PHE A 237 -14.62 -27.78 14.55
C PHE A 237 -16.10 -27.68 14.90
N GLN A 238 -16.59 -28.67 15.63
CA GLN A 238 -17.98 -28.71 16.05
C GLN A 238 -18.10 -28.46 17.55
N PHE A 239 -18.95 -27.50 17.92
CA PHE A 239 -19.27 -27.26 19.32
C PHE A 239 -20.40 -28.19 19.76
N SER A 240 -20.53 -28.36 21.07
CA SER A 240 -21.65 -29.06 21.67
C SER A 240 -21.54 -28.86 23.16
N PRO A 241 -22.67 -28.70 23.86
CA PRO A 241 -22.69 -28.34 25.29
C PRO A 241 -21.76 -29.19 26.15
N LEU A 242 -21.14 -28.54 27.13
CA LEU A 242 -20.15 -29.20 27.95
C LEU A 242 -20.78 -29.86 29.15
N PRO A 243 -20.24 -31.01 29.57
CA PRO A 243 -20.66 -31.67 30.80
C PRO A 243 -20.57 -30.73 32.01
N VAL A 244 -19.48 -29.96 32.09
CA VAL A 244 -19.17 -29.10 33.25
C VAL A 244 -20.35 -28.40 33.90
N ASP A 245 -20.20 -28.08 35.19
CA ASP A 245 -21.21 -27.36 35.96
C ASP A 245 -21.02 -25.86 35.80
N GLU A 246 -22.04 -25.09 36.17
CA GLU A 246 -21.98 -23.63 36.07
C GLU A 246 -20.81 -23.07 36.88
N VAL A 247 -19.65 -23.01 36.25
CA VAL A 247 -18.48 -22.42 36.90
C VAL A 247 -18.10 -21.10 36.24
N SER A 248 -17.98 -20.05 37.05
CA SER A 248 -17.58 -18.73 36.57
C SER A 248 -16.10 -18.69 36.15
N SER A 249 -15.84 -18.46 34.87
CA SER A 249 -14.48 -18.54 34.34
C SER A 249 -13.67 -17.27 34.51
N PRO A 250 -12.43 -17.43 34.96
CA PRO A 250 -11.37 -16.43 35.13
C PRO A 250 -10.85 -15.89 33.79
N MET A 251 -11.10 -16.60 32.70
CA MET A 251 -10.46 -16.29 31.43
C MET A 251 -10.84 -14.89 30.96
N LYS A 252 -9.83 -14.08 30.65
CA LYS A 252 -10.07 -12.71 30.21
C LYS A 252 -9.54 -12.48 28.80
N LYS A 253 -8.63 -13.33 28.35
CA LYS A 253 -8.08 -13.22 27.00
C LYS A 253 -8.14 -14.57 26.28
N LEU A 254 -8.46 -14.50 24.98
CA LEU A 254 -8.45 -15.67 24.10
C LEU A 254 -7.74 -15.28 22.83
N ALA A 255 -6.78 -16.10 22.41
CA ALA A 255 -5.97 -15.78 21.25
C ALA A 255 -5.72 -17.00 20.37
N PHE A 256 -5.89 -16.82 19.07
CA PHE A 256 -5.63 -17.88 18.11
C PHE A 256 -4.42 -17.46 17.29
N ARG A 257 -3.36 -18.27 17.30
CA ARG A 257 -2.14 -17.85 16.64
C ARG A 257 -2.10 -18.21 15.17
N GLY A 258 -1.80 -19.47 14.87
CA GLY A 258 -1.64 -19.88 13.48
C GLY A 258 -2.72 -20.81 12.96
N SER A 259 -3.97 -20.47 13.24
CA SER A 259 -5.11 -21.35 13.00
C SER A 259 -5.58 -21.32 11.57
N VAL A 260 -6.11 -22.44 11.10
CA VAL A 260 -6.90 -22.40 9.87
C VAL A 260 -8.39 -22.46 10.23
N LEU A 261 -9.13 -21.48 9.75
CA LEU A 261 -10.53 -21.37 10.11
C LEU A 261 -11.40 -21.38 8.86
N THR A 262 -12.64 -21.81 9.00
CA THR A 262 -13.59 -21.72 7.90
C THR A 262 -14.77 -20.92 8.42
N ASP A 263 -15.62 -20.45 7.52
CA ASP A 263 -16.78 -19.69 7.93
C ASP A 263 -17.60 -20.46 8.96
N GLU A 264 -17.57 -21.79 8.89
CA GLU A 264 -18.25 -22.63 9.88
C GLU A 264 -17.65 -22.53 11.26
N SER A 265 -16.33 -22.39 11.30
CA SER A 265 -15.62 -22.38 12.55
C SER A 265 -16.06 -21.21 13.41
N PHE A 266 -16.35 -20.07 12.77
CA PHE A 266 -16.82 -18.89 13.47
C PHE A 266 -18.10 -19.22 14.22
N ASN A 267 -18.97 -19.95 13.53
CA ASN A 267 -20.29 -20.23 14.04
C ASN A 267 -20.24 -21.08 15.32
N GLU A 268 -19.25 -21.96 15.39
CA GLU A 268 -19.07 -22.86 16.53
C GLU A 268 -18.24 -22.24 17.65
N LEU A 269 -17.03 -21.78 17.32
CA LEU A 269 -16.15 -21.08 18.25
C LEU A 269 -16.85 -19.98 19.05
N LEU A 270 -17.68 -19.19 18.38
CA LEU A 270 -18.45 -18.15 19.05
C LEU A 270 -19.31 -18.74 20.17
N LYS A 271 -19.68 -20.01 20.02
CA LYS A 271 -20.42 -20.77 21.04
C LYS A 271 -19.59 -21.05 22.33
N LEU A 272 -18.27 -21.00 22.21
CA LEU A 272 -17.41 -21.25 23.37
C LEU A 272 -17.51 -20.13 24.40
N LEU A 273 -17.75 -18.92 23.93
CA LEU A 273 -17.80 -17.75 24.81
C LEU A 273 -18.90 -17.88 25.86
N ARG A 274 -19.85 -18.77 25.63
CA ARG A 274 -20.93 -18.97 26.60
C ARG A 274 -20.40 -19.48 27.93
N TYR A 275 -19.20 -20.05 27.91
CA TYR A 275 -18.59 -20.61 29.11
C TYR A 275 -17.59 -19.66 29.79
N ILE A 276 -17.10 -18.70 29.02
CA ILE A 276 -16.16 -17.70 29.52
C ILE A 276 -16.79 -16.31 29.48
N LEU A 277 -17.74 -16.08 30.39
CA LEU A 277 -18.53 -14.85 30.38
C LEU A 277 -17.71 -13.59 30.60
N GLU A 278 -16.60 -13.73 31.33
CA GLU A 278 -15.80 -12.59 31.74
C GLU A 278 -14.84 -12.14 30.66
N LEU A 279 -14.68 -12.95 29.61
CA LEU A 279 -13.77 -12.64 28.51
C LEU A 279 -13.94 -11.20 28.05
N SER A 280 -12.81 -10.53 27.78
CA SER A 280 -12.81 -9.14 27.39
C SER A 280 -11.87 -8.85 26.20
N GLU A 281 -11.20 -9.86 25.68
CA GLU A 281 -10.35 -9.67 24.51
C GLU A 281 -10.21 -10.94 23.67
N VAL A 282 -10.49 -10.82 22.36
CA VAL A 282 -10.22 -11.91 21.41
C VAL A 282 -9.17 -11.47 20.40
N GLU A 283 -8.26 -12.39 20.08
CA GLU A 283 -7.20 -12.09 19.12
C GLU A 283 -7.02 -13.23 18.14
N PHE A 284 -6.75 -12.87 16.90
CA PHE A 284 -6.42 -13.82 15.85
C PHE A 284 -5.15 -13.33 15.21
N ASP A 285 -4.08 -14.13 15.28
CA ASP A 285 -2.83 -13.75 14.64
C ASP A 285 -2.68 -14.26 13.23
N ASP A 286 -1.52 -14.84 12.94
CA ASP A 286 -1.24 -15.30 11.58
C ASP A 286 -2.18 -16.45 11.20
N CYS A 287 -3.46 -16.13 11.00
CA CYS A 287 -4.49 -17.13 10.81
C CYS A 287 -4.94 -17.15 9.36
N THR A 288 -5.29 -18.33 8.85
CA THR A 288 -5.89 -18.40 7.53
C THR A 288 -7.41 -18.58 7.61
N LEU A 289 -8.16 -17.71 6.94
CA LEU A 289 -9.59 -17.90 6.81
C LEU A 289 -9.95 -18.38 5.40
N ASN A 290 -10.11 -19.70 5.25
CA ASN A 290 -10.60 -20.36 4.05
C ASN A 290 -12.13 -20.22 4.01
N GLY A 291 -12.57 -19.03 3.64
CA GLY A 291 -13.96 -18.63 3.77
C GLY A 291 -14.10 -17.22 3.23
N LEU A 292 -15.24 -16.61 3.46
CA LEU A 292 -15.57 -15.34 2.84
C LEU A 292 -16.48 -14.53 3.74
N GLY A 293 -16.49 -14.88 5.02
CA GLY A 293 -17.28 -14.14 5.99
C GLY A 293 -18.76 -14.48 5.97
N ASP A 294 -19.11 -15.63 5.39
CA ASP A 294 -20.49 -16.13 5.39
C ASP A 294 -20.85 -16.73 6.76
N PHE A 295 -20.92 -15.87 7.77
CA PHE A 295 -21.15 -16.33 9.14
C PHE A 295 -22.64 -16.47 9.47
N ASN A 296 -23.04 -17.59 10.07
CA ASN A 296 -24.39 -17.73 10.60
C ASN A 296 -24.43 -18.10 12.08
N PRO A 297 -24.23 -17.09 12.92
CA PRO A 297 -24.18 -17.17 14.39
C PRO A 297 -25.53 -17.55 14.97
N SER A 298 -25.59 -18.58 15.80
CA SER A 298 -26.81 -18.88 16.54
C SER A 298 -27.39 -17.58 17.11
N GLU A 299 -28.70 -17.55 17.31
CA GLU A 299 -29.38 -16.33 17.73
C GLU A 299 -29.18 -16.01 19.20
N SER A 300 -29.01 -17.06 20.01
CA SER A 300 -28.67 -16.88 21.41
C SER A 300 -27.46 -15.97 21.47
N ASP A 301 -26.44 -16.32 20.69
CA ASP A 301 -25.16 -15.62 20.69
C ASP A 301 -25.24 -14.17 20.21
N VAL A 302 -26.14 -13.88 19.28
CA VAL A 302 -26.22 -12.53 18.72
C VAL A 302 -26.91 -11.55 19.67
N VAL A 303 -27.81 -12.05 20.49
CA VAL A 303 -28.39 -11.25 21.58
C VAL A 303 -27.33 -10.88 22.64
N SER A 304 -26.37 -11.77 22.86
CA SER A 304 -25.30 -11.57 23.84
C SER A 304 -24.36 -10.44 23.47
N GLU A 305 -24.34 -10.10 22.19
CA GLU A 305 -23.46 -9.04 21.70
C GLU A 305 -22.02 -9.26 22.15
N LEU A 306 -21.56 -10.50 22.09
CA LEU A 306 -20.18 -10.83 22.48
C LEU A 306 -19.84 -10.58 23.96
N GLY A 307 -20.83 -10.64 24.85
CA GLY A 307 -20.62 -10.50 26.28
C GLY A 307 -19.81 -9.29 26.75
N LYS A 308 -18.77 -9.54 27.53
CA LYS A 308 -17.94 -8.46 28.07
C LYS A 308 -16.70 -8.19 27.23
N VAL A 309 -16.66 -8.77 26.02
CA VAL A 309 -15.55 -8.58 25.09
C VAL A 309 -15.53 -7.17 24.51
N GLU A 310 -14.55 -6.39 24.94
CA GLU A 310 -14.46 -4.98 24.59
C GLU A 310 -13.54 -4.82 23.40
N THR A 311 -12.57 -5.72 23.27
CA THR A 311 -11.51 -5.55 22.27
C THR A 311 -11.35 -6.78 21.40
N VAL A 312 -11.28 -6.54 20.09
CA VAL A 312 -11.15 -7.60 19.11
C VAL A 312 -9.96 -7.28 18.22
N THR A 313 -9.02 -8.20 18.12
CA THR A 313 -7.80 -7.90 17.38
C THR A 313 -7.45 -8.94 16.33
N ILE A 314 -7.38 -8.51 15.07
CA ILE A 314 -7.04 -9.39 13.97
C ILE A 314 -5.77 -8.90 13.25
N ARG A 315 -4.71 -9.71 13.28
CA ARG A 315 -3.43 -9.39 12.63
C ARG A 315 -3.03 -10.42 11.59
N ARG A 316 -2.68 -9.98 10.39
CA ARG A 316 -2.23 -10.88 9.30
C ARG A 316 -3.17 -12.08 9.12
N LEU A 317 -4.45 -11.81 8.90
CA LEU A 317 -5.41 -12.84 8.57
C LEU A 317 -5.40 -13.07 7.06
N HIS A 318 -4.93 -14.24 6.62
CA HIS A 318 -4.84 -14.56 5.19
C HIS A 318 -6.16 -15.15 4.71
N ILE A 319 -6.74 -14.49 3.71
CA ILE A 319 -8.03 -14.86 3.17
C ILE A 319 -7.84 -15.02 1.68
N PRO A 320 -7.67 -16.27 1.22
CA PRO A 320 -7.32 -16.64 -0.16
C PRO A 320 -8.06 -15.86 -1.22
N GLN A 321 -9.37 -15.74 -1.12
CA GLN A 321 -10.12 -15.00 -2.13
C GLN A 321 -10.67 -13.74 -1.49
N PHE A 322 -9.77 -12.97 -0.89
CA PHE A 322 -10.15 -11.81 -0.10
C PHE A 322 -11.18 -10.92 -0.81
N TYR A 323 -11.07 -10.80 -2.13
CA TYR A 323 -11.92 -9.89 -2.92
C TYR A 323 -13.38 -10.32 -3.00
N LEU A 324 -13.66 -11.56 -2.66
CA LEU A 324 -15.01 -12.10 -2.76
C LEU A 324 -15.69 -12.04 -1.41
N PHE A 325 -15.14 -11.28 -0.49
CA PHE A 325 -15.62 -11.30 0.89
C PHE A 325 -17.03 -10.74 0.99
N TYR A 326 -17.83 -11.36 1.84
CA TYR A 326 -19.22 -10.96 2.02
C TYR A 326 -19.42 -9.66 2.81
N ASP A 327 -20.69 -9.26 2.84
CA ASP A 327 -21.19 -8.06 3.50
C ASP A 327 -20.72 -7.94 4.94
N LEU A 328 -20.51 -9.10 5.55
CA LEU A 328 -20.16 -9.22 6.94
C LEU A 328 -21.29 -8.68 7.80
N SER A 329 -22.52 -8.81 7.32
CA SER A 329 -23.69 -8.21 7.96
C SER A 329 -24.39 -9.16 8.93
N THR A 330 -23.95 -10.41 8.92
CA THR A 330 -24.48 -11.40 9.84
C THR A 330 -23.95 -11.18 11.26
N VAL A 331 -22.96 -10.30 11.39
CA VAL A 331 -22.41 -9.94 12.70
C VAL A 331 -22.57 -8.46 13.06
N TYR A 332 -23.47 -7.73 12.39
CA TYR A 332 -23.62 -6.30 12.64
C TYR A 332 -24.20 -6.05 14.02
N SER A 333 -25.01 -7.00 14.48
CA SER A 333 -25.65 -6.89 15.77
C SER A 333 -24.73 -7.35 16.90
N LEU A 334 -24.00 -8.43 16.63
CA LEU A 334 -23.06 -9.03 17.56
C LEU A 334 -22.03 -8.05 18.10
N LEU A 335 -21.71 -7.03 17.31
CA LEU A 335 -20.59 -6.15 17.60
C LEU A 335 -20.97 -4.72 18.03
N GLU A 336 -22.23 -4.51 18.38
CA GLU A 336 -22.71 -3.16 18.72
C GLU A 336 -22.04 -2.63 19.99
N LYS A 337 -21.51 -3.55 20.78
CA LYS A 337 -20.98 -3.20 22.10
C LYS A 337 -19.44 -3.07 22.13
N VAL A 338 -18.73 -3.74 21.22
CA VAL A 338 -17.25 -3.67 21.21
C VAL A 338 -16.65 -2.24 21.04
N LYS A 339 -15.53 -1.98 21.71
CA LYS A 339 -14.95 -0.63 21.80
C LYS A 339 -13.62 -0.46 21.07
N ARG A 340 -12.80 -1.50 20.98
CA ARG A 340 -11.56 -1.44 20.20
C ARG A 340 -11.47 -2.59 19.18
N ILE A 341 -11.38 -2.23 17.90
CA ILE A 341 -11.17 -3.20 16.82
C ILE A 341 -9.84 -2.94 16.12
N THR A 342 -9.05 -3.99 15.94
CA THR A 342 -7.84 -3.93 15.13
C THR A 342 -7.92 -4.98 14.02
N VAL A 343 -7.72 -4.52 12.79
CA VAL A 343 -7.69 -5.43 11.65
C VAL A 343 -6.57 -4.95 10.78
N GLU A 344 -5.40 -5.52 11.04
CA GLU A 344 -4.16 -5.06 10.44
C GLU A 344 -3.61 -6.05 9.43
N ASN A 345 -3.14 -5.53 8.29
CA ASN A 345 -2.54 -6.37 7.27
C ASN A 345 -3.36 -7.60 6.93
N SER A 346 -4.61 -7.39 6.55
CA SER A 346 -5.53 -8.47 6.19
C SER A 346 -6.24 -8.19 4.88
N LYS A 347 -5.79 -7.12 4.21
CA LYS A 347 -6.31 -6.79 2.89
C LYS A 347 -7.67 -6.16 2.97
N VAL A 348 -7.96 -5.46 4.07
CA VAL A 348 -9.23 -4.76 4.20
C VAL A 348 -9.33 -3.67 3.15
N PHE A 349 -10.41 -3.68 2.37
CA PHE A 349 -10.55 -2.67 1.32
C PHE A 349 -11.84 -1.89 1.46
N LEU A 350 -12.68 -2.26 2.40
CA LEU A 350 -13.90 -1.51 2.68
C LEU A 350 -14.61 -1.97 3.93
N VAL A 351 -14.93 -1.04 4.82
CA VAL A 351 -15.86 -1.35 5.90
C VAL A 351 -17.21 -0.78 5.49
N PRO A 352 -18.12 -1.66 5.05
CA PRO A 352 -19.44 -1.26 4.57
C PRO A 352 -20.15 -0.30 5.53
N CYS A 353 -20.62 0.82 4.97
CA CYS A 353 -21.35 1.83 5.72
C CYS A 353 -22.29 1.29 6.79
N SER A 354 -23.14 0.32 6.42
CA SER A 354 -24.07 -0.23 7.40
C SER A 354 -23.33 -0.82 8.60
N PHE A 355 -22.26 -1.58 8.33
CA PHE A 355 -21.39 -2.07 9.40
C PHE A 355 -20.94 -0.93 10.32
N SER A 356 -20.35 0.09 9.71
CA SER A 356 -19.91 1.27 10.42
C SER A 356 -21.01 1.88 11.29
N GLN A 357 -22.23 1.90 10.81
CA GLN A 357 -23.30 2.51 11.59
C GLN A 357 -23.74 1.62 12.72
N HIS A 358 -23.30 0.37 12.70
CA HIS A 358 -23.70 -0.60 13.70
C HIS A 358 -22.64 -0.73 14.79
N LEU A 359 -21.43 -0.29 14.48
CA LEU A 359 -20.35 -0.22 15.44
C LEU A 359 -20.55 1.04 16.29
N LYS A 360 -21.66 1.06 17.01
CA LYS A 360 -22.06 2.21 17.82
C LYS A 360 -20.99 2.56 18.84
N SER A 361 -20.60 1.56 19.62
CA SER A 361 -19.77 1.79 20.80
C SER A 361 -18.28 1.79 20.49
N LEU A 362 -17.94 1.88 19.21
CA LEU A 362 -16.55 1.74 18.79
C LEU A 362 -15.73 3.03 19.00
N GLU A 363 -14.67 2.91 19.79
CA GLU A 363 -13.83 4.05 20.18
C GLU A 363 -12.46 4.07 19.50
N PHE A 364 -11.88 2.89 19.34
CA PHE A 364 -10.59 2.76 18.67
C PHE A 364 -10.74 1.88 17.42
N LEU A 365 -10.20 2.34 16.29
CA LEU A 365 -10.19 1.54 15.07
C LEU A 365 -8.86 1.64 14.36
N ASP A 366 -8.21 0.49 14.19
CA ASP A 366 -6.88 0.41 13.61
C ASP A 366 -6.90 -0.44 12.34
N LEU A 367 -6.84 0.22 11.19
CA LEU A 367 -6.87 -0.44 9.89
C LEU A 367 -5.55 -0.29 9.16
N SER A 368 -4.45 -0.49 9.88
CA SER A 368 -3.13 -0.26 9.31
C SER A 368 -2.78 -1.31 8.26
N GLU A 369 -2.06 -0.87 7.23
CA GLU A 369 -1.47 -1.80 6.28
C GLU A 369 -2.51 -2.52 5.41
N ASN A 370 -3.58 -1.81 5.08
CA ASN A 370 -4.60 -2.40 4.24
C ASN A 370 -4.74 -1.71 2.86
N LEU A 371 -5.94 -1.77 2.30
CA LEU A 371 -6.18 -1.25 0.96
C LEU A 371 -7.17 -0.07 0.92
N MET A 372 -7.42 0.56 2.06
CA MET A 372 -8.34 1.71 2.07
C MET A 372 -7.83 2.83 1.19
N VAL A 373 -8.72 3.34 0.35
CA VAL A 373 -8.47 4.52 -0.45
C VAL A 373 -9.68 5.44 -0.29
N GLU A 374 -9.47 6.75 -0.43
CA GLU A 374 -10.55 7.69 -0.17
C GLU A 374 -11.89 7.19 -0.71
N GLU A 375 -11.85 6.51 -1.86
CA GLU A 375 -13.08 6.04 -2.52
C GLU A 375 -13.89 5.08 -1.65
N TYR A 376 -13.21 4.15 -1.00
CA TYR A 376 -13.87 3.28 -0.04
C TYR A 376 -14.11 3.98 1.28
N LEU A 377 -13.08 4.67 1.78
CA LEU A 377 -13.17 5.38 3.05
C LEU A 377 -14.38 6.30 3.08
N LYS A 378 -14.79 6.80 1.90
CA LYS A 378 -15.93 7.69 1.83
C LYS A 378 -17.21 6.94 2.16
N ASN A 379 -17.24 5.66 1.86
CA ASN A 379 -18.40 4.86 2.24
C ASN A 379 -18.28 4.37 3.67
N SER A 380 -17.09 3.96 4.04
CA SER A 380 -16.87 3.39 5.36
C SER A 380 -17.08 4.43 6.46
N ALA A 381 -16.85 5.70 6.15
CA ALA A 381 -17.18 6.80 7.05
C ALA A 381 -18.35 7.60 6.47
N CYS A 382 -19.51 6.95 6.46
CA CYS A 382 -20.74 7.57 6.00
C CYS A 382 -21.29 8.50 7.07
N LYS A 383 -22.41 9.17 6.79
CA LYS A 383 -22.89 10.20 7.71
C LYS A 383 -23.07 9.73 9.16
N GLY A 384 -23.46 8.47 9.35
CA GLY A 384 -23.73 7.99 10.70
C GLY A 384 -22.72 7.01 11.26
N ALA A 385 -21.54 6.98 10.66
CA ALA A 385 -20.55 5.97 10.98
C ALA A 385 -19.83 6.24 12.29
N TRP A 386 -19.38 5.16 12.92
CA TRP A 386 -18.46 5.20 14.04
C TRP A 386 -18.70 6.32 15.04
N PRO A 387 -19.94 6.45 15.52
CA PRO A 387 -20.37 7.60 16.33
C PRO A 387 -19.46 7.86 17.53
N SER A 388 -18.91 6.81 18.13
CA SER A 388 -18.10 6.98 19.33
C SER A 388 -16.62 6.93 19.03
N LEU A 389 -16.26 6.89 17.76
CA LEU A 389 -14.86 6.74 17.40
C LEU A 389 -14.03 7.96 17.82
N GLN A 390 -12.98 7.72 18.58
CA GLN A 390 -12.12 8.79 19.04
C GLN A 390 -10.76 8.68 18.37
N THR A 391 -10.35 7.46 18.06
CA THR A 391 -9.08 7.24 17.40
C THR A 391 -9.24 6.44 16.13
N LEU A 392 -8.81 7.01 15.01
CA LEU A 392 -8.78 6.29 13.76
C LEU A 392 -7.33 6.07 13.37
N VAL A 393 -7.00 4.86 12.94
CA VAL A 393 -5.65 4.63 12.45
C VAL A 393 -5.68 4.05 11.05
N LEU A 394 -5.28 4.85 10.07
CA LEU A 394 -5.23 4.40 8.68
C LEU A 394 -3.80 4.50 8.16
N SER A 395 -2.84 4.10 8.98
CA SER A 395 -1.46 4.09 8.55
C SER A 395 -1.26 3.06 7.45
N GLN A 396 -0.30 3.33 6.59
CA GLN A 396 0.11 2.37 5.59
C GLN A 396 -1.04 1.82 4.77
N ASN A 397 -1.96 2.69 4.40
CA ASN A 397 -2.92 2.36 3.36
C ASN A 397 -2.51 3.06 2.07
N HIS A 398 -3.44 3.33 1.17
CA HIS A 398 -3.04 3.87 -0.11
C HIS A 398 -3.66 5.23 -0.38
N LEU A 399 -3.81 6.01 0.69
CA LEU A 399 -4.36 7.35 0.58
C LEU A 399 -3.40 8.26 -0.20
N ARG A 400 -3.96 9.16 -1.01
CA ARG A 400 -3.14 10.09 -1.77
C ARG A 400 -3.56 11.58 -1.67
N SER A 401 -4.67 11.89 -1.01
CA SER A 401 -5.07 13.30 -0.79
C SER A 401 -5.60 13.64 0.58
N MET A 402 -4.78 14.33 1.37
CA MET A 402 -5.21 14.86 2.65
C MET A 402 -6.47 15.70 2.63
N GLN A 403 -6.70 16.46 1.56
CA GLN A 403 -7.93 17.24 1.51
C GLN A 403 -9.16 16.35 1.40
N LYS A 404 -9.11 15.39 0.49
CA LYS A 404 -10.21 14.45 0.33
C LYS A 404 -10.43 13.67 1.62
N THR A 405 -9.35 13.22 2.24
CA THR A 405 -9.42 12.44 3.47
C THR A 405 -10.09 13.20 4.62
N GLY A 406 -9.53 14.35 4.98
CA GLY A 406 -10.05 15.11 6.10
C GLY A 406 -11.51 15.47 5.94
N GLU A 407 -11.94 15.62 4.69
CA GLU A 407 -13.30 16.08 4.40
C GLU A 407 -14.28 14.91 4.51
N ILE A 408 -13.82 13.73 4.13
CA ILE A 408 -14.63 12.54 4.27
C ILE A 408 -14.87 12.31 5.75
N LEU A 409 -13.87 12.61 6.55
CA LEU A 409 -13.90 12.24 7.95
C LEU A 409 -14.75 13.17 8.79
N LEU A 410 -15.30 14.21 8.16
CA LEU A 410 -16.12 15.17 8.89
C LEU A 410 -17.30 14.48 9.57
N THR A 411 -17.69 13.34 8.99
CA THR A 411 -18.78 12.51 9.51
C THR A 411 -18.47 12.01 10.92
N LEU A 412 -17.19 11.98 11.27
CA LEU A 412 -16.80 11.50 12.58
C LEU A 412 -16.72 12.66 13.56
N LYS A 413 -17.80 12.84 14.31
CA LYS A 413 -17.95 13.98 15.23
C LYS A 413 -17.09 13.84 16.49
N ASN A 414 -16.97 12.61 16.96
CA ASN A 414 -16.23 12.35 18.20
C ASN A 414 -14.76 12.02 17.97
N LEU A 415 -14.30 12.17 16.73
CA LEU A 415 -12.90 11.86 16.39
C LEU A 415 -11.96 12.92 16.93
N THR A 416 -10.97 12.50 17.71
CA THR A 416 -10.09 13.42 18.42
C THR A 416 -8.61 13.12 18.15
N SER A 417 -8.35 12.07 17.39
CA SER A 417 -6.98 11.63 17.13
C SER A 417 -6.91 10.73 15.90
N LEU A 418 -6.26 11.22 14.85
CA LEU A 418 -6.19 10.50 13.57
C LEU A 418 -4.73 10.21 13.16
N ASP A 419 -4.51 9.04 12.56
CA ASP A 419 -3.19 8.63 12.11
C ASP A 419 -3.26 8.16 10.69
N ILE A 420 -2.83 9.02 9.77
CA ILE A 420 -2.81 8.68 8.35
C ILE A 420 -1.38 8.57 7.85
N SER A 421 -0.47 8.20 8.76
CA SER A 421 0.95 8.08 8.48
C SER A 421 1.28 6.98 7.46
N ARG A 422 2.54 6.89 7.08
CA ARG A 422 3.00 5.94 6.06
C ARG A 422 2.11 5.88 4.81
N ASN A 423 1.53 7.02 4.43
CA ASN A 423 0.75 7.15 3.20
C ASN A 423 1.36 8.21 2.26
N THR A 424 1.89 7.79 1.11
CA THR A 424 2.61 8.69 0.18
C THR A 424 1.80 9.87 -0.42
N PHE A 425 1.41 10.81 0.43
CA PHE A 425 0.48 11.90 0.06
C PHE A 425 0.94 12.86 -1.05
N HIS A 426 -0.03 13.30 -1.87
CA HIS A 426 0.18 14.46 -2.74
C HIS A 426 0.36 15.70 -1.83
N PRO A 427 0.93 16.79 -2.39
CA PRO A 427 1.20 18.01 -1.63
C PRO A 427 -0.05 18.66 -1.03
N MET A 428 -0.09 18.85 0.29
CA MET A 428 -1.24 19.45 0.94
C MET A 428 -1.43 20.88 0.51
N PRO A 429 -2.70 21.34 0.42
CA PRO A 429 -3.07 22.65 -0.07
C PRO A 429 -3.15 23.66 1.08
N ASP A 430 -3.69 24.85 0.80
CA ASP A 430 -3.87 25.87 1.82
C ASP A 430 -5.13 25.62 2.64
N SER A 431 -6.18 25.13 1.98
CA SER A 431 -7.49 24.98 2.61
C SER A 431 -7.99 23.53 2.70
N CYS A 432 -8.07 23.01 3.93
CA CYS A 432 -8.61 21.68 4.22
C CYS A 432 -9.61 21.80 5.38
N GLN A 433 -10.48 20.80 5.55
CA GLN A 433 -11.31 20.71 6.75
C GLN A 433 -11.03 19.38 7.43
N TRP A 434 -11.10 19.38 8.76
CA TRP A 434 -10.95 18.15 9.53
C TRP A 434 -11.94 18.13 10.69
N PRO A 435 -12.05 16.98 11.36
CA PRO A 435 -12.85 16.91 12.59
C PRO A 435 -12.48 18.03 13.55
N GLU A 436 -13.47 18.78 14.02
CA GLU A 436 -13.18 19.97 14.81
C GLU A 436 -12.58 19.64 16.16
N LYS A 437 -12.60 18.36 16.54
CA LYS A 437 -12.01 17.91 17.81
C LYS A 437 -10.72 17.13 17.63
N MET A 438 -10.17 17.17 16.42
CA MET A 438 -8.95 16.44 16.10
C MET A 438 -7.78 17.12 16.79
N ARG A 439 -7.32 16.51 17.89
CA ARG A 439 -6.22 17.06 18.66
C ARG A 439 -4.90 16.39 18.29
N PHE A 440 -4.98 15.22 17.68
CA PHE A 440 -3.78 14.43 17.36
C PHE A 440 -3.76 14.07 15.89
N LEU A 441 -2.74 14.49 15.18
CA LEU A 441 -2.55 14.11 13.79
C LEU A 441 -1.15 13.55 13.56
N ASN A 442 -1.07 12.33 13.04
CA ASN A 442 0.23 11.74 12.76
C ASN A 442 0.41 11.66 11.26
N LEU A 443 1.35 12.45 10.73
CA LEU A 443 1.63 12.51 9.29
C LEU A 443 3.05 12.03 9.01
N SER A 444 3.60 11.22 9.92
CA SER A 444 4.96 10.75 9.81
C SER A 444 5.19 9.88 8.57
N SER A 445 6.44 9.82 8.12
CA SER A 445 6.82 8.91 7.05
C SER A 445 5.91 9.04 5.83
N THR A 446 5.40 10.24 5.65
CA THR A 446 4.32 10.49 4.71
C THR A 446 4.82 11.11 3.38
N GLY A 447 6.13 11.18 3.21
CA GLY A 447 6.73 11.66 1.96
C GLY A 447 6.69 13.16 1.66
N ILE A 448 6.04 13.95 2.51
CA ILE A 448 5.85 15.37 2.21
C ILE A 448 7.12 16.21 2.34
N ARG A 449 7.09 17.41 1.74
CA ARG A 449 8.24 18.31 1.73
C ARG A 449 7.88 19.78 1.97
N VAL A 450 6.73 20.02 2.57
CA VAL A 450 6.23 21.36 2.83
C VAL A 450 5.13 21.18 3.86
N VAL A 451 4.91 22.16 4.72
CA VAL A 451 3.70 22.11 5.55
C VAL A 451 2.87 23.38 5.40
N LYS A 452 1.66 23.22 4.87
CA LYS A 452 0.75 24.35 4.64
C LYS A 452 -0.29 24.46 5.75
N THR A 453 -1.21 25.42 5.61
CA THR A 453 -2.27 25.68 6.59
C THR A 453 -3.42 24.68 6.48
N CYS A 454 -3.16 23.56 5.79
CA CYS A 454 -4.09 22.45 5.76
C CYS A 454 -4.29 21.96 7.20
N ILE A 455 -3.18 21.58 7.83
CA ILE A 455 -3.15 21.18 9.23
C ILE A 455 -3.91 22.17 10.11
N PRO A 456 -4.90 21.68 10.87
CA PRO A 456 -5.84 22.49 11.68
C PRO A 456 -5.21 23.09 12.94
N GLN A 457 -5.57 24.33 13.26
CA GLN A 457 -5.07 24.99 14.45
C GLN A 457 -5.33 24.18 15.73
N THR A 458 -6.37 23.35 15.71
CA THR A 458 -6.82 22.61 16.89
C THR A 458 -5.81 21.58 17.39
N LEU A 459 -4.71 21.45 16.65
CA LEU A 459 -3.78 20.34 16.83
C LEU A 459 -2.82 20.48 18.03
N GLU A 460 -3.10 19.73 19.11
CA GLU A 460 -2.22 19.65 20.28
C GLU A 460 -0.97 18.79 20.03
N VAL A 461 -1.07 17.82 19.13
CA VAL A 461 0.06 16.97 18.80
C VAL A 461 0.20 16.81 17.30
N LEU A 462 1.40 17.04 16.79
CA LEU A 462 1.66 16.87 15.37
C LEU A 462 2.91 16.04 15.23
N ASP A 463 2.86 15.05 14.34
CA ASP A 463 4.04 14.27 14.05
C ASP A 463 4.21 14.37 12.57
N VAL A 464 5.27 15.05 12.14
CA VAL A 464 5.52 15.21 10.72
C VAL A 464 6.96 14.81 10.47
N SER A 465 7.41 13.79 11.20
CA SER A 465 8.80 13.32 11.11
C SER A 465 9.06 12.43 9.90
N ASN A 466 10.32 12.06 9.70
CA ASN A 466 10.73 11.20 8.59
C ASN A 466 10.13 11.63 7.26
N ASN A 467 10.27 12.91 6.93
CA ASN A 467 9.76 13.42 5.66
C ASN A 467 10.83 14.16 4.86
N ASN A 468 10.40 15.17 4.10
CA ASN A 468 11.32 16.02 3.34
C ASN A 468 11.09 17.51 3.62
N LEU A 469 10.59 17.81 4.81
CA LEU A 469 10.37 19.17 5.26
C LEU A 469 11.66 20.00 5.31
N ASP A 470 11.63 21.16 4.65
CA ASP A 470 12.76 22.07 4.69
C ASP A 470 12.53 23.15 5.74
N SER A 471 11.26 23.43 6.00
CA SER A 471 10.89 24.50 6.92
C SER A 471 9.53 24.25 7.54
N PHE A 472 9.47 24.27 8.86
CA PHE A 472 8.18 24.29 9.53
C PHE A 472 7.86 25.71 10.00
N SER A 473 6.90 26.34 9.36
CA SER A 473 6.59 27.74 9.60
C SER A 473 5.09 27.92 9.82
N LEU A 474 4.60 27.41 10.94
CA LEU A 474 3.16 27.20 11.09
C LEU A 474 2.60 27.55 12.47
N PHE A 475 1.70 28.52 12.50
CA PHE A 475 1.04 28.90 13.75
C PHE A 475 0.10 27.79 14.21
N LEU A 476 0.40 27.20 15.36
CA LEU A 476 -0.45 26.18 15.97
C LEU A 476 -0.46 26.41 17.47
N PRO A 477 -1.27 27.37 17.94
CA PRO A 477 -1.31 27.77 19.35
C PRO A 477 -1.29 26.61 20.33
N ARG A 478 -2.36 25.83 20.39
CA ARG A 478 -2.51 24.77 21.38
C ARG A 478 -1.37 23.74 21.38
N LEU A 479 -0.60 23.72 20.29
CA LEU A 479 0.41 22.68 20.04
C LEU A 479 1.37 22.40 21.19
N GLN A 480 1.18 21.26 21.86
CA GLN A 480 2.07 20.81 22.92
C GLN A 480 3.28 20.06 22.35
N GLU A 481 3.03 18.90 21.76
CA GLU A 481 4.11 18.10 21.18
C GLU A 481 4.30 18.38 19.70
N LEU A 482 5.54 18.25 19.22
CA LEU A 482 5.82 18.40 17.80
C LEU A 482 6.95 17.49 17.34
N TYR A 483 6.63 16.21 17.17
CA TYR A 483 7.60 15.26 16.63
C TYR A 483 7.87 15.59 15.16
N ILE A 484 9.10 16.00 14.87
CA ILE A 484 9.48 16.40 13.52
C ILE A 484 10.93 16.02 13.18
N SER A 485 11.36 14.86 13.67
CA SER A 485 12.71 14.36 13.42
C SER A 485 12.97 13.95 11.97
N ARG A 486 14.07 13.23 11.78
CA ARG A 486 14.50 12.76 10.46
C ARG A 486 13.99 13.62 9.29
N ASN A 487 14.37 14.90 9.28
CA ASN A 487 14.03 15.80 8.18
C ASN A 487 15.26 16.49 7.59
N LYS A 488 15.04 17.41 6.66
CA LYS A 488 16.12 18.18 6.05
C LYS A 488 16.12 19.62 6.56
N LEU A 489 15.72 19.80 7.82
CA LEU A 489 15.55 21.13 8.40
C LEU A 489 16.89 21.81 8.76
N LYS A 490 17.34 22.74 7.90
CA LYS A 490 18.54 23.54 8.17
C LYS A 490 18.33 24.41 9.41
N THR A 491 17.21 25.12 9.42
CA THR A 491 16.88 26.08 10.44
C THR A 491 15.84 25.55 11.42
N LEU A 492 15.92 25.97 12.68
CA LEU A 492 14.93 25.59 13.68
C LEU A 492 13.70 26.52 13.66
N PRO A 493 12.51 25.98 13.97
CA PRO A 493 11.24 26.72 14.01
C PRO A 493 11.14 27.81 15.09
N ASP A 494 10.44 28.90 14.74
CA ASP A 494 10.21 30.02 15.65
C ASP A 494 9.44 29.59 16.89
N ALA A 495 9.91 30.04 18.06
CA ALA A 495 9.30 29.64 19.32
C ALA A 495 7.97 30.33 19.63
N SER A 496 7.47 31.12 18.68
CA SER A 496 6.18 31.77 18.87
C SER A 496 5.09 30.87 18.30
N LEU A 497 5.48 30.04 17.34
CA LEU A 497 4.55 29.18 16.62
C LEU A 497 3.77 28.27 17.55
N PHE A 498 4.22 28.16 18.79
CA PHE A 498 3.62 27.24 19.75
C PHE A 498 3.91 27.64 21.18
N PRO A 499 3.18 28.66 21.67
CA PRO A 499 3.36 29.28 22.99
C PRO A 499 3.15 28.35 24.20
N VAL A 500 2.42 27.25 24.05
CA VAL A 500 2.18 26.32 25.17
C VAL A 500 2.92 24.99 25.00
N LEU A 501 3.82 24.95 24.02
CA LEU A 501 4.67 23.80 23.73
C LEU A 501 5.07 23.01 24.99
N LEU A 502 5.15 21.69 24.88
CA LEU A 502 5.60 20.83 25.98
C LEU A 502 6.79 19.98 25.56
N VAL A 503 6.80 19.61 24.28
CA VAL A 503 7.80 18.70 23.76
C VAL A 503 8.18 19.10 22.33
N MET A 504 9.41 18.76 21.94
CA MET A 504 9.83 18.96 20.56
C MET A 504 10.91 17.96 20.14
N LYS A 505 10.48 16.81 19.62
CA LYS A 505 11.43 15.84 19.08
C LYS A 505 11.85 16.32 17.69
N ILE A 506 12.97 17.02 17.62
CA ILE A 506 13.41 17.61 16.35
C ILE A 506 14.87 17.27 16.03
N ALA A 507 15.15 15.97 16.24
CA ALA A 507 16.49 15.48 15.96
C ALA A 507 16.75 15.06 14.51
N SER A 508 17.80 14.27 14.33
CA SER A 508 18.26 13.84 13.01
C SER A 508 17.99 14.83 11.86
N ASN A 509 18.30 16.02 12.00
CA ASN A 509 18.03 17.15 11.10
C ASN A 509 19.29 17.79 10.50
N GLN A 510 19.13 18.99 9.92
CA GLN A 510 20.24 19.71 9.31
C GLN A 510 20.60 20.99 10.05
N LEU A 511 20.33 21.01 11.36
CA LEU A 511 20.60 22.18 12.16
C LEU A 511 22.11 22.40 12.34
N LYS A 512 22.60 23.54 11.86
CA LYS A 512 23.96 23.99 12.17
C LYS A 512 23.99 24.61 13.56
N SER A 513 23.34 25.77 13.72
CA SER A 513 23.20 26.39 15.05
C SER A 513 21.97 27.29 15.20
N VAL A 514 21.22 27.07 16.29
CA VAL A 514 19.98 27.79 16.56
C VAL A 514 20.22 29.14 17.24
N PRO A 515 19.40 30.14 16.88
CA PRO A 515 19.57 31.51 17.40
C PRO A 515 19.63 31.55 18.91
N ASP A 516 20.59 32.30 19.45
CA ASP A 516 20.69 32.50 20.89
C ASP A 516 19.48 33.30 21.38
N GLY A 517 18.82 32.79 22.41
CA GLY A 517 17.61 33.42 22.93
C GLY A 517 16.38 32.91 22.22
N ILE A 518 16.26 31.59 22.14
CA ILE A 518 15.12 30.97 21.45
C ILE A 518 14.17 30.24 22.41
N PHE A 519 14.72 29.64 23.46
CA PHE A 519 13.87 29.02 24.48
C PHE A 519 13.47 30.05 25.52
N ASP A 520 13.24 31.28 25.07
CA ASP A 520 12.78 32.35 25.94
C ASP A 520 11.27 32.29 26.12
N ARG A 521 10.53 32.25 25.02
CA ARG A 521 9.08 32.17 25.08
C ARG A 521 8.58 30.72 25.16
N LEU A 522 9.52 29.78 25.14
CA LEU A 522 9.20 28.37 25.42
C LEU A 522 9.26 28.14 26.93
N THR A 523 8.55 28.98 27.67
CA THR A 523 8.49 28.94 29.13
C THR A 523 7.76 27.68 29.59
N SER A 524 7.58 26.75 28.67
CA SER A 524 6.69 25.63 28.90
C SER A 524 7.39 24.32 28.56
N LEU A 525 8.27 24.38 27.56
CA LEU A 525 9.04 23.22 27.12
C LEU A 525 9.59 22.44 28.32
N GLN A 526 9.27 21.16 28.38
CA GLN A 526 9.69 20.34 29.51
C GLN A 526 10.50 19.10 29.11
N LYS A 527 10.77 18.96 27.81
CA LYS A 527 11.57 17.84 27.28
C LYS A 527 11.87 18.07 25.79
N ILE A 528 13.06 17.68 25.36
CA ILE A 528 13.50 18.02 24.02
C ILE A 528 14.50 17.02 23.46
N TRP A 529 14.57 16.97 22.13
CA TRP A 529 15.46 16.07 21.40
C TRP A 529 16.30 16.90 20.45
N LEU A 530 17.61 16.66 20.41
CA LEU A 530 18.47 17.34 19.45
C LEU A 530 19.58 16.45 18.87
N HIS A 531 19.75 15.27 19.45
CA HIS A 531 20.82 14.35 19.04
C HIS A 531 20.96 14.14 17.53
N THR A 532 21.85 13.25 17.13
CA THR A 532 22.20 13.03 15.73
C THR A 532 21.94 14.29 14.89
N ASN A 533 22.93 15.18 14.88
CA ASN A 533 22.77 16.49 14.25
C ASN A 533 24.13 17.12 13.96
N PRO A 534 24.37 17.53 12.70
CA PRO A 534 25.60 18.24 12.36
C PRO A 534 25.56 19.66 12.88
N TRP A 535 26.10 19.90 14.08
CA TRP A 535 26.04 21.22 14.70
C TRP A 535 27.26 22.08 14.35
N ASP A 536 27.73 22.84 15.33
CA ASP A 536 28.83 23.78 15.14
C ASP A 536 29.29 24.32 16.50
N CYS A 537 30.15 23.56 17.18
CA CYS A 537 30.56 23.89 18.53
C CYS A 537 31.76 24.84 18.59
N SER A 538 31.63 25.99 17.94
CA SER A 538 32.64 27.04 17.96
C SER A 538 32.40 27.95 19.14
N CYS A 539 33.38 28.03 20.04
CA CYS A 539 33.24 28.77 21.28
C CYS A 539 32.70 30.20 21.09
N PRO A 540 33.13 30.89 20.01
CA PRO A 540 32.66 32.26 19.75
C PRO A 540 31.17 32.37 19.34
N ARG A 541 30.53 31.26 18.98
CA ARG A 541 29.12 31.32 18.56
C ARG A 541 28.15 30.45 19.38
N ILE A 542 28.61 29.28 19.81
CA ILE A 542 27.74 28.33 20.50
C ILE A 542 27.52 28.67 21.97
N ASP A 543 27.19 29.95 22.21
CA ASP A 543 27.00 30.45 23.57
C ASP A 543 25.79 29.84 24.27
N TYR A 544 24.60 30.30 23.89
CA TYR A 544 23.35 29.95 24.56
C TYR A 544 23.15 28.45 24.71
N LEU A 545 22.89 27.80 23.58
CA LEU A 545 22.70 26.35 23.56
C LEU A 545 23.58 25.66 24.60
N SER A 546 24.85 26.03 24.62
CA SER A 546 25.85 25.40 25.48
C SER A 546 25.48 25.44 26.96
N ARG A 547 24.94 26.56 27.42
CA ARG A 547 24.63 26.71 28.85
C ARG A 547 23.19 26.34 29.22
N TRP A 548 22.26 26.43 28.26
CA TRP A 548 20.87 26.05 28.53
C TRP A 548 20.73 24.54 28.66
N LEU A 549 21.46 23.81 27.83
CA LEU A 549 21.44 22.36 27.87
C LEU A 549 21.91 21.84 29.22
N ASN A 550 22.60 22.69 29.98
CA ASN A 550 23.17 22.33 31.28
C ASN A 550 22.22 22.63 32.45
N LYS A 551 21.72 23.86 32.48
CA LYS A 551 20.81 24.31 33.53
C LYS A 551 19.73 23.27 33.74
N ASN A 552 19.17 22.80 32.62
CA ASN A 552 18.04 21.88 32.61
C ASN A 552 18.34 20.54 31.95
N SER A 553 19.46 19.92 32.32
CA SER A 553 19.78 18.62 31.74
C SER A 553 18.59 17.68 31.90
N GLN A 554 17.72 18.00 32.85
CA GLN A 554 16.48 17.28 33.09
C GLN A 554 15.62 17.28 31.83
N LYS A 555 15.34 18.48 31.34
CA LYS A 555 14.53 18.68 30.16
C LYS A 555 15.30 18.33 28.89
N GLU A 556 15.50 17.03 28.63
CA GLU A 556 16.32 16.63 27.50
C GLU A 556 16.72 15.15 27.53
N GLN A 557 16.38 14.42 26.47
CA GLN A 557 17.01 13.12 26.20
C GLN A 557 17.64 13.08 24.81
N GLY A 558 18.81 12.44 24.72
CA GLY A 558 19.63 12.47 23.53
C GLY A 558 20.76 13.49 23.68
N SER A 559 22.00 13.06 23.46
CA SER A 559 23.15 13.96 23.63
C SER A 559 23.66 14.56 22.32
N ALA A 560 23.61 15.88 22.23
CA ALA A 560 24.01 16.60 21.02
C ALA A 560 25.47 16.34 20.64
N LYS A 561 25.69 15.89 19.39
CA LYS A 561 27.02 15.56 18.88
C LYS A 561 27.62 16.75 18.13
N CYS A 562 28.78 17.24 18.61
CA CYS A 562 29.45 18.35 17.96
C CYS A 562 30.00 17.94 16.60
N SER A 563 29.83 18.82 15.62
CA SER A 563 30.22 18.53 14.24
C SER A 563 31.72 18.32 14.10
N GLY A 564 32.15 17.06 14.18
CA GLY A 564 33.55 16.72 13.95
C GLY A 564 34.34 16.36 15.20
N SER A 565 33.84 16.79 16.37
CA SER A 565 34.53 16.53 17.62
C SER A 565 33.92 15.33 18.33
N GLY A 566 32.60 15.24 18.31
CA GLY A 566 31.89 14.20 19.04
C GLY A 566 31.63 14.62 20.47
N LYS A 567 32.27 15.71 20.89
CA LYS A 567 32.13 16.27 22.22
C LYS A 567 30.70 16.77 22.43
N PRO A 568 30.07 16.41 23.57
CA PRO A 568 28.71 16.87 23.88
C PRO A 568 28.61 18.40 23.94
N VAL A 569 27.44 18.95 23.61
CA VAL A 569 27.21 20.39 23.61
C VAL A 569 26.96 20.92 25.03
N ARG A 570 26.78 19.99 25.96
CA ARG A 570 26.63 20.34 27.37
C ARG A 570 27.99 20.59 28.00
N SER A 571 29.03 20.61 27.16
CA SER A 571 30.41 20.78 27.61
C SER A 571 30.94 22.21 27.46
N ILE A 572 32.24 22.35 27.69
CA ILE A 572 32.93 23.66 27.77
C ILE A 572 32.11 24.88 27.34
N ILE A 573 32.12 25.90 28.20
CA ILE A 573 31.49 27.18 27.91
C ILE A 573 32.55 28.24 27.58
N CYS A 574 32.13 29.44 27.23
CA CYS A 574 33.05 30.44 26.68
C CYS A 574 32.96 31.82 27.34
N PRO A 575 34.13 32.45 27.61
CA PRO A 575 34.30 33.73 28.31
C PRO A 575 33.68 34.95 27.63
N GLU B 33 8.40 31.07 -32.15
CA GLU B 33 7.28 31.07 -33.09
C GLU B 33 6.66 32.45 -33.21
N SER B 34 7.31 33.46 -32.62
CA SER B 34 6.85 34.85 -32.65
C SER B 34 5.42 35.00 -32.10
N MET B 35 5.25 34.77 -30.80
CA MET B 35 3.94 34.76 -30.16
C MET B 35 3.75 35.89 -29.13
N VAL B 36 2.50 36.27 -28.93
CA VAL B 36 2.10 37.20 -27.87
C VAL B 36 0.85 36.62 -27.22
N ASP B 37 0.95 36.29 -25.94
CA ASP B 37 -0.18 35.72 -25.23
C ASP B 37 -0.84 36.75 -24.34
N TYR B 38 -2.05 37.14 -24.71
CA TYR B 38 -2.81 38.13 -23.93
C TYR B 38 -4.11 37.54 -23.39
N SER B 39 -4.08 36.28 -22.98
CA SER B 39 -5.28 35.70 -22.38
C SER B 39 -5.46 36.15 -20.93
N ASN B 40 -6.69 36.09 -20.44
CA ASN B 40 -7.01 36.48 -19.06
C ASN B 40 -6.61 37.92 -18.70
N ARG B 41 -6.19 38.67 -19.70
CA ARG B 41 -5.85 40.07 -19.52
C ARG B 41 -7.09 40.97 -19.43
N ASN B 42 -8.26 40.39 -19.19
CA ASN B 42 -9.52 41.16 -19.05
C ASN B 42 -9.88 42.10 -20.21
N LEU B 43 -9.37 41.77 -21.40
CA LEU B 43 -9.36 42.70 -22.53
C LEU B 43 -10.73 42.96 -23.15
N THR B 44 -10.80 43.95 -24.03
CA THR B 44 -12.07 44.37 -24.63
C THR B 44 -11.96 44.67 -26.12
N HIS B 45 -10.80 45.14 -26.54
CA HIS B 45 -10.54 45.47 -27.93
C HIS B 45 -9.24 44.74 -28.28
N VAL B 46 -8.84 44.80 -29.53
CA VAL B 46 -7.59 44.15 -29.94
C VAL B 46 -6.39 45.11 -29.85
N PRO B 47 -5.56 44.97 -28.80
CA PRO B 47 -4.44 45.85 -28.45
C PRO B 47 -3.77 46.46 -29.67
N LYS B 48 -4.08 47.72 -29.96
CA LYS B 48 -3.59 48.41 -31.17
C LYS B 48 -2.07 48.68 -31.15
N ASP B 49 -1.44 48.32 -30.03
CA ASP B 49 -0.02 48.57 -29.76
C ASP B 49 0.92 47.44 -30.19
N LEU B 50 0.38 46.22 -30.31
CA LEU B 50 1.18 45.03 -30.66
C LEU B 50 2.21 45.26 -31.76
N PRO B 51 3.34 44.52 -31.67
CA PRO B 51 4.41 44.50 -32.66
C PRO B 51 3.84 44.09 -34.02
N PRO B 52 4.05 44.93 -35.03
CA PRO B 52 3.44 44.76 -36.36
C PRO B 52 3.66 43.38 -36.99
N ARG B 53 4.86 42.82 -36.85
CA ARG B 53 5.18 41.55 -37.50
C ARG B 53 4.89 40.32 -36.64
N THR B 54 4.02 40.48 -35.63
CA THR B 54 3.63 39.37 -34.75
C THR B 54 3.02 38.27 -35.58
N LYS B 55 3.18 37.02 -35.15
CA LYS B 55 2.68 35.90 -35.94
C LYS B 55 1.61 35.06 -35.27
N ALA B 56 1.75 34.79 -33.98
CA ALA B 56 0.71 34.10 -33.23
C ALA B 56 0.16 34.97 -32.10
N LEU B 57 -1.11 35.36 -32.20
CA LEU B 57 -1.75 36.17 -31.16
C LEU B 57 -2.88 35.42 -30.45
N SER B 58 -2.82 35.36 -29.12
CA SER B 58 -3.91 34.78 -28.35
C SER B 58 -4.57 35.84 -27.49
N LEU B 59 -5.87 36.03 -27.68
CA LEU B 59 -6.66 36.93 -26.86
C LEU B 59 -7.72 36.09 -26.15
N SER B 60 -7.45 34.80 -26.05
CA SER B 60 -8.36 33.83 -25.46
C SER B 60 -8.75 34.30 -24.07
N GLN B 61 -9.91 33.85 -23.61
CA GLN B 61 -10.39 34.15 -22.26
C GLN B 61 -10.42 35.65 -21.91
N ASN B 62 -10.98 36.46 -22.80
CA ASN B 62 -11.22 37.87 -22.51
C ASN B 62 -12.70 38.24 -22.70
N SER B 63 -12.97 39.51 -22.95
CA SER B 63 -14.34 39.98 -23.12
C SER B 63 -14.49 40.81 -24.39
N ILE B 64 -13.72 40.45 -25.42
CA ILE B 64 -13.89 41.02 -26.75
C ILE B 64 -15.26 40.61 -27.29
N SER B 65 -15.93 41.52 -28.00
CA SER B 65 -17.31 41.31 -28.43
C SER B 65 -17.51 41.48 -29.93
N GLU B 66 -16.75 42.39 -30.53
CA GLU B 66 -16.79 42.55 -31.98
C GLU B 66 -15.37 42.58 -32.52
N LEU B 67 -15.20 42.14 -33.75
CA LEU B 67 -13.88 42.12 -34.35
C LEU B 67 -13.92 42.86 -35.67
N ARG B 68 -13.66 44.17 -35.62
CA ARG B 68 -13.69 45.03 -36.81
C ARG B 68 -12.36 44.93 -37.55
N MET B 69 -12.37 45.29 -38.84
CA MET B 69 -11.15 45.24 -39.63
C MET B 69 -10.01 46.06 -39.00
N PRO B 70 -10.27 47.34 -38.68
CA PRO B 70 -9.19 48.18 -38.16
C PRO B 70 -8.62 47.61 -36.87
N ASP B 71 -9.27 46.59 -36.31
CA ASP B 71 -8.77 45.92 -35.11
C ASP B 71 -7.58 44.99 -35.38
N ILE B 72 -7.50 44.44 -36.60
CA ILE B 72 -6.40 43.53 -36.96
C ILE B 72 -5.72 43.83 -38.31
N SER B 73 -6.13 44.90 -38.98
CA SER B 73 -5.52 45.32 -40.25
C SER B 73 -3.99 45.30 -40.24
N PHE B 74 -3.43 45.86 -39.17
CA PHE B 74 -1.98 46.10 -39.06
C PHE B 74 -1.12 44.84 -38.89
N LEU B 75 -1.71 43.78 -38.34
CA LEU B 75 -0.96 42.54 -38.10
C LEU B 75 -0.85 41.73 -39.38
N SER B 76 -0.17 42.30 -40.37
CA SER B 76 -0.12 41.72 -41.71
C SER B 76 0.51 40.34 -41.78
N GLU B 77 1.25 39.95 -40.74
CA GLU B 77 2.02 38.72 -40.77
C GLU B 77 1.34 37.60 -40.00
N LEU B 78 0.21 37.91 -39.38
CA LEU B 78 -0.51 37.00 -38.49
C LEU B 78 -0.78 35.64 -39.13
N ARG B 79 -0.37 34.56 -38.45
CA ARG B 79 -0.68 33.20 -38.90
C ARG B 79 -1.72 32.60 -37.98
N VAL B 80 -1.58 32.88 -36.69
CA VAL B 80 -2.42 32.27 -35.69
C VAL B 80 -3.17 33.34 -34.88
N LEU B 81 -4.47 33.15 -34.72
CA LEU B 81 -5.28 34.02 -33.89
C LEU B 81 -6.20 33.16 -33.04
N ARG B 82 -5.98 33.17 -31.73
CA ARG B 82 -6.80 32.37 -30.84
C ARG B 82 -7.74 33.30 -30.08
N LEU B 83 -9.04 33.10 -30.26
CA LEU B 83 -10.04 33.97 -29.69
C LEU B 83 -11.06 33.16 -28.92
N SER B 84 -10.73 31.90 -28.69
CA SER B 84 -11.52 31.03 -27.83
C SER B 84 -11.99 31.77 -26.57
N HIS B 85 -13.15 31.38 -26.06
CA HIS B 85 -13.78 32.00 -24.90
C HIS B 85 -13.88 33.51 -24.91
N ASN B 86 -14.58 34.06 -25.89
CA ASN B 86 -14.99 35.45 -25.82
C ASN B 86 -16.50 35.63 -25.96
N ARG B 87 -16.91 36.75 -26.52
CA ARG B 87 -18.32 37.13 -26.48
C ARG B 87 -18.77 37.69 -27.83
N ILE B 88 -18.05 37.32 -28.88
CA ILE B 88 -18.38 37.77 -30.23
C ILE B 88 -19.69 37.14 -30.73
N ARG B 89 -20.58 37.98 -31.27
CA ARG B 89 -21.88 37.51 -31.75
C ARG B 89 -21.89 37.30 -33.25
N SER B 90 -21.39 38.28 -33.99
CA SER B 90 -21.23 38.13 -35.42
C SER B 90 -19.75 38.07 -35.80
N LEU B 91 -19.44 37.38 -36.89
CA LEU B 91 -18.07 37.34 -37.40
C LEU B 91 -18.06 37.55 -38.91
N ASP B 92 -17.53 38.69 -39.34
CA ASP B 92 -17.42 38.98 -40.76
C ASP B 92 -16.03 38.58 -41.28
N PHE B 93 -15.97 37.52 -42.10
CA PHE B 93 -14.70 37.03 -42.62
C PHE B 93 -13.96 37.99 -43.55
N HIS B 94 -14.57 39.11 -43.90
CA HIS B 94 -13.89 40.10 -44.73
C HIS B 94 -12.98 40.94 -43.84
N VAL B 95 -13.38 41.03 -42.58
CA VAL B 95 -12.59 41.67 -41.55
C VAL B 95 -11.09 41.29 -41.62
N PHE B 96 -10.80 40.05 -42.02
CA PHE B 96 -9.42 39.58 -42.15
C PHE B 96 -8.76 39.93 -43.51
N LEU B 97 -9.26 40.96 -44.18
CA LEU B 97 -8.80 41.24 -45.54
C LEU B 97 -7.28 41.34 -45.65
N PHE B 98 -6.63 41.94 -44.65
CA PHE B 98 -5.21 42.25 -44.75
C PHE B 98 -4.28 41.22 -44.09
N ASN B 99 -4.86 40.24 -43.41
CA ASN B 99 -4.11 39.12 -42.88
C ASN B 99 -4.12 37.95 -43.89
N GLN B 100 -3.44 38.18 -45.02
CA GLN B 100 -3.28 37.20 -46.07
C GLN B 100 -2.59 35.90 -45.64
N ASP B 101 -2.15 35.81 -44.40
CA ASP B 101 -1.31 34.69 -44.02
C ASP B 101 -1.96 33.87 -42.93
N LEU B 102 -3.14 34.30 -42.49
CA LEU B 102 -3.81 33.67 -41.37
C LEU B 102 -4.19 32.23 -41.68
N GLU B 103 -3.60 31.29 -40.92
CA GLU B 103 -3.93 29.88 -41.12
C GLU B 103 -4.63 29.19 -39.95
N TYR B 104 -4.56 29.78 -38.77
CA TYR B 104 -5.23 29.19 -37.61
C TYR B 104 -6.11 30.25 -36.94
N LEU B 105 -7.41 29.99 -36.96
CA LEU B 105 -8.39 30.88 -36.34
C LEU B 105 -9.29 30.05 -35.43
N ASP B 106 -9.32 30.40 -34.15
CA ASP B 106 -10.13 29.70 -33.15
C ASP B 106 -11.10 30.64 -32.48
N VAL B 107 -12.34 30.65 -32.94
CA VAL B 107 -13.37 31.49 -32.36
C VAL B 107 -14.40 30.63 -31.62
N SER B 108 -13.95 29.50 -31.12
CA SER B 108 -14.81 28.61 -30.34
C SER B 108 -15.36 29.35 -29.13
N HIS B 109 -16.22 28.69 -28.38
CA HIS B 109 -16.72 29.22 -27.12
C HIS B 109 -17.02 30.71 -27.10
N ASN B 110 -17.58 31.22 -28.19
CA ASN B 110 -18.12 32.56 -28.16
C ASN B 110 -19.65 32.50 -28.12
N ARG B 111 -20.28 33.44 -28.80
CA ARG B 111 -21.74 33.48 -28.88
C ARG B 111 -22.17 33.71 -30.33
N LEU B 112 -21.36 33.21 -31.25
CA LEU B 112 -21.60 33.37 -32.67
C LEU B 112 -22.98 32.85 -33.08
N GLN B 113 -23.58 33.49 -34.09
CA GLN B 113 -24.85 33.07 -34.64
C GLN B 113 -24.96 33.43 -36.12
N ASN B 114 -24.21 34.46 -36.54
CA ASN B 114 -24.12 34.83 -37.95
C ASN B 114 -22.64 34.81 -38.37
N ILE B 115 -22.38 34.60 -39.67
CA ILE B 115 -21.02 34.41 -40.17
C ILE B 115 -20.93 34.67 -41.69
N SER B 116 -19.96 35.48 -42.12
CA SER B 116 -19.73 35.65 -43.55
C SER B 116 -19.62 34.28 -44.20
N CYS B 117 -20.13 34.14 -45.42
CA CYS B 117 -20.15 32.83 -46.06
C CYS B 117 -18.78 32.41 -46.63
N CYS B 118 -17.89 33.37 -46.81
CA CYS B 118 -16.59 33.04 -47.40
C CYS B 118 -15.38 33.28 -46.49
N PRO B 119 -14.97 32.23 -45.75
CA PRO B 119 -13.77 32.17 -44.93
C PRO B 119 -12.51 32.27 -45.77
N MET B 120 -11.46 32.84 -45.20
CA MET B 120 -10.20 33.05 -45.92
C MET B 120 -9.59 31.72 -46.41
N ALA B 121 -9.17 31.71 -47.67
CA ALA B 121 -8.63 30.50 -48.28
C ALA B 121 -7.32 30.04 -47.62
N SER B 122 -6.75 30.92 -46.79
CA SER B 122 -5.50 30.62 -46.13
C SER B 122 -5.65 29.68 -44.92
N LEU B 123 -6.90 29.42 -44.53
CA LEU B 123 -7.22 28.64 -43.35
C LEU B 123 -6.74 27.18 -43.43
N ARG B 124 -6.19 26.70 -42.32
CA ARG B 124 -5.84 25.29 -42.16
C ARG B 124 -6.52 24.78 -40.91
N HIS B 125 -6.87 25.70 -40.03
CA HIS B 125 -7.58 25.34 -38.81
C HIS B 125 -8.63 26.40 -38.49
N LEU B 126 -9.88 26.03 -38.63
CA LEU B 126 -10.98 26.94 -38.39
C LEU B 126 -11.91 26.35 -37.33
N ASP B 127 -11.95 26.97 -36.15
CA ASP B 127 -12.74 26.46 -35.04
C ASP B 127 -13.90 27.39 -34.69
N LEU B 128 -15.12 26.93 -34.99
CA LEU B 128 -16.36 27.62 -34.63
C LEU B 128 -17.23 26.76 -33.70
N SER B 129 -16.62 25.82 -33.01
CA SER B 129 -17.38 24.95 -32.13
C SER B 129 -17.85 25.72 -30.90
N PHE B 130 -18.81 25.15 -30.19
CA PHE B 130 -19.37 25.77 -28.99
C PHE B 130 -19.76 27.22 -29.18
N ASN B 131 -20.67 27.46 -30.10
CA ASN B 131 -21.27 28.77 -30.25
C ASN B 131 -22.78 28.62 -30.26
N ASP B 132 -23.49 29.65 -30.72
CA ASP B 132 -24.93 29.61 -30.69
C ASP B 132 -25.54 29.59 -32.08
N PHE B 133 -24.95 28.79 -32.96
CA PHE B 133 -25.49 28.63 -34.30
C PHE B 133 -26.76 27.81 -34.26
N ASP B 134 -27.79 28.34 -34.91
CA ASP B 134 -29.03 27.62 -35.15
C ASP B 134 -28.70 26.39 -35.97
N VAL B 135 -28.22 26.62 -37.20
CA VAL B 135 -27.86 25.53 -38.09
C VAL B 135 -26.42 25.63 -38.56
N LEU B 136 -25.76 24.48 -38.73
CA LEU B 136 -24.39 24.41 -39.23
C LEU B 136 -24.04 25.51 -40.25
N PRO B 137 -23.11 26.43 -39.90
CA PRO B 137 -22.77 27.63 -40.66
C PRO B 137 -21.92 27.40 -41.92
N VAL B 138 -21.77 26.15 -42.34
CA VAL B 138 -20.97 25.82 -43.51
C VAL B 138 -21.68 26.22 -44.79
N CYS B 139 -21.25 27.32 -45.41
CA CYS B 139 -21.83 27.78 -46.67
C CYS B 139 -21.16 27.09 -47.85
N LYS B 140 -21.70 27.30 -49.05
CA LYS B 140 -21.18 26.63 -50.24
C LYS B 140 -19.73 27.03 -50.58
N GLU B 141 -19.32 28.22 -50.16
CA GLU B 141 -18.01 28.73 -50.52
C GLU B 141 -16.88 28.01 -49.77
N PHE B 142 -17.25 27.35 -48.68
CA PHE B 142 -16.30 26.58 -47.88
C PHE B 142 -15.52 25.58 -48.73
N GLY B 143 -15.93 25.42 -49.98
CA GLY B 143 -15.24 24.53 -50.88
C GLY B 143 -13.90 25.07 -51.28
N ASN B 144 -13.76 26.41 -51.26
CA ASN B 144 -12.52 27.11 -51.66
C ASN B 144 -11.41 26.93 -50.62
N LEU B 145 -11.80 26.51 -49.42
CA LEU B 145 -10.86 26.25 -48.34
C LEU B 145 -10.11 24.95 -48.57
N THR B 146 -9.45 24.84 -49.72
CA THR B 146 -8.73 23.63 -50.08
C THR B 146 -7.68 23.24 -49.04
N LYS B 147 -7.06 24.22 -48.39
CA LYS B 147 -5.98 23.96 -47.42
C LYS B 147 -6.51 23.51 -46.05
N LEU B 148 -7.84 23.51 -45.88
CA LEU B 148 -8.46 23.27 -44.58
C LEU B 148 -8.26 21.87 -44.04
N THR B 149 -7.85 21.78 -42.78
CA THR B 149 -7.59 20.47 -42.17
C THR B 149 -8.35 20.24 -40.84
N PHE B 150 -8.55 21.31 -40.09
CA PHE B 150 -9.36 21.22 -38.88
C PHE B 150 -10.60 22.09 -39.02
N LEU B 151 -11.75 21.48 -38.77
CA LEU B 151 -13.03 22.19 -38.81
C LEU B 151 -13.83 21.94 -37.53
N GLY B 152 -14.23 23.02 -36.88
CA GLY B 152 -14.95 22.93 -35.62
C GLY B 152 -16.30 23.60 -35.76
N LEU B 153 -17.36 22.87 -35.45
CA LEU B 153 -18.71 23.35 -35.70
C LEU B 153 -19.64 23.08 -34.52
N SER B 154 -20.73 23.83 -34.47
CA SER B 154 -21.81 23.56 -33.52
C SER B 154 -23.13 24.02 -34.07
N ALA B 155 -24.19 23.36 -33.65
CA ALA B 155 -25.51 23.65 -34.17
C ALA B 155 -26.57 23.00 -33.31
N ALA B 156 -27.82 23.35 -33.56
CA ALA B 156 -28.96 22.80 -32.84
C ALA B 156 -29.88 21.97 -33.76
N LYS B 157 -29.66 22.09 -35.07
CA LYS B 157 -30.44 21.37 -36.07
C LYS B 157 -29.51 20.76 -37.09
N PHE B 158 -29.83 19.56 -37.56
CA PHE B 158 -29.04 18.94 -38.62
C PHE B 158 -29.85 18.38 -39.81
N ARG B 159 -29.45 18.73 -41.02
CA ARG B 159 -30.02 18.09 -42.22
C ARG B 159 -28.95 17.29 -42.96
N GLN B 160 -29.36 16.27 -43.71
CA GLN B 160 -28.39 15.30 -44.21
C GLN B 160 -27.22 15.98 -44.91
N LEU B 161 -27.53 17.04 -45.63
CA LEU B 161 -26.59 17.61 -46.56
C LEU B 161 -25.79 18.82 -46.06
N ASP B 162 -25.87 19.11 -44.77
CA ASP B 162 -25.32 20.37 -44.25
C ASP B 162 -23.82 20.55 -44.50
N LEU B 163 -23.05 19.47 -44.41
CA LEU B 163 -21.60 19.55 -44.60
C LEU B 163 -21.13 19.19 -46.01
N LEU B 164 -21.99 19.40 -47.00
CA LEU B 164 -21.68 19.00 -48.37
C LEU B 164 -20.55 19.83 -48.98
N PRO B 165 -20.57 21.16 -48.74
CA PRO B 165 -19.49 21.98 -49.28
C PRO B 165 -18.07 21.58 -48.85
N VAL B 166 -17.91 20.94 -47.70
CA VAL B 166 -16.56 20.52 -47.29
C VAL B 166 -16.29 19.01 -47.48
N ALA B 167 -17.11 18.35 -48.29
CA ALA B 167 -16.98 16.90 -48.49
C ALA B 167 -15.81 16.51 -49.38
N HIS B 168 -15.17 17.49 -50.00
CA HIS B 168 -14.06 17.19 -50.90
C HIS B 168 -12.73 17.74 -50.42
N LEU B 169 -12.60 17.97 -49.12
CA LEU B 169 -11.34 18.43 -48.54
C LEU B 169 -10.70 17.29 -47.78
N HIS B 170 -9.38 17.32 -47.66
CA HIS B 170 -8.68 16.26 -46.94
C HIS B 170 -8.57 16.60 -45.45
N LEU B 171 -9.72 16.58 -44.80
CA LEU B 171 -9.86 16.94 -43.41
C LEU B 171 -9.17 15.95 -42.46
N SER B 172 -8.69 16.47 -41.33
CA SER B 172 -8.09 15.66 -40.29
C SER B 172 -8.89 15.66 -38.99
N CYS B 173 -9.49 16.79 -38.63
CA CYS B 173 -10.43 16.79 -37.52
C CYS B 173 -11.70 17.56 -37.83
N ILE B 174 -12.83 16.92 -37.54
CA ILE B 174 -14.12 17.57 -37.48
C ILE B 174 -14.58 17.53 -36.03
N LEU B 175 -14.55 18.68 -35.38
CA LEU B 175 -15.05 18.79 -34.04
C LEU B 175 -16.47 19.33 -34.15
N LEU B 176 -17.41 18.63 -33.52
CA LEU B 176 -18.82 18.99 -33.63
C LEU B 176 -19.53 18.84 -32.30
N ASP B 177 -20.23 19.88 -31.86
CA ASP B 177 -20.88 19.81 -30.56
C ASP B 177 -22.38 20.04 -30.61
N LEU B 178 -23.06 19.17 -29.87
CA LEU B 178 -24.50 19.10 -29.84
C LEU B 178 -24.95 19.55 -28.45
N VAL B 179 -24.25 20.53 -27.90
CA VAL B 179 -24.65 21.05 -26.60
C VAL B 179 -25.97 21.80 -26.80
N SER B 180 -26.04 22.55 -27.90
CA SER B 180 -27.21 23.37 -28.20
C SER B 180 -28.43 22.55 -28.63
N TYR B 181 -28.26 21.23 -28.74
CA TYR B 181 -29.25 20.37 -29.40
C TYR B 181 -30.31 19.76 -28.49
N HIS B 182 -31.57 19.92 -28.88
CA HIS B 182 -32.69 19.30 -28.19
C HIS B 182 -33.39 18.43 -29.21
N ILE B 183 -34.15 17.44 -28.74
CA ILE B 183 -34.94 16.56 -29.60
C ILE B 183 -36.09 17.35 -30.20
N LYS B 184 -36.53 16.97 -31.41
CA LYS B 184 -37.70 17.62 -31.99
C LYS B 184 -38.84 16.68 -32.40
N GLY B 185 -39.55 17.05 -33.46
CA GLY B 185 -40.78 16.37 -33.85
C GLY B 185 -40.65 14.95 -34.37
N GLY B 186 -39.72 14.19 -33.81
CA GLY B 186 -39.56 12.78 -34.14
C GLY B 186 -39.05 12.50 -35.55
N GLU B 187 -39.28 13.45 -36.46
CA GLU B 187 -38.84 13.33 -37.85
C GLU B 187 -37.32 13.32 -37.94
N THR B 188 -36.73 12.21 -37.50
CA THR B 188 -35.28 12.09 -37.29
C THR B 188 -34.40 12.95 -38.22
N GLU B 189 -33.53 13.72 -37.59
CA GLU B 189 -32.57 14.54 -38.31
C GLU B 189 -31.45 13.64 -38.83
N SER B 190 -30.91 13.96 -40.00
CA SER B 190 -29.81 13.19 -40.55
C SER B 190 -28.62 14.12 -40.66
N LEU B 191 -27.46 13.56 -40.94
CA LEU B 191 -26.29 14.38 -41.20
C LEU B 191 -25.17 13.53 -41.76
N GLN B 192 -24.76 13.85 -42.97
CA GLN B 192 -23.68 13.12 -43.61
C GLN B 192 -22.40 13.79 -43.16
N ILE B 193 -21.51 13.00 -42.54
CA ILE B 193 -20.18 13.47 -42.15
C ILE B 193 -19.14 13.24 -43.24
N PRO B 194 -18.51 14.32 -43.72
CA PRO B 194 -17.46 14.24 -44.75
C PRO B 194 -16.35 13.32 -44.29
N ASN B 195 -15.58 12.75 -45.21
CA ASN B 195 -14.46 11.89 -44.81
C ASN B 195 -13.49 12.67 -43.93
N THR B 196 -13.28 12.18 -42.70
CA THR B 196 -12.33 12.79 -41.78
C THR B 196 -11.48 11.70 -41.17
N THR B 197 -10.23 12.01 -40.87
CA THR B 197 -9.46 11.13 -40.01
C THR B 197 -10.13 10.97 -38.63
N VAL B 198 -10.36 12.10 -37.95
CA VAL B 198 -10.98 12.06 -36.65
C VAL B 198 -12.35 12.74 -36.65
N LEU B 199 -13.33 12.11 -36.00
CA LEU B 199 -14.60 12.78 -35.73
C LEU B 199 -14.80 12.86 -34.24
N HIS B 200 -14.83 14.07 -33.70
CA HIS B 200 -15.03 14.29 -32.27
C HIS B 200 -16.37 14.96 -32.02
N LEU B 201 -17.20 14.28 -31.23
CA LEU B 201 -18.53 14.78 -30.94
C LEU B 201 -18.67 15.08 -29.44
N VAL B 202 -19.11 16.29 -29.12
CA VAL B 202 -19.30 16.67 -27.73
C VAL B 202 -20.78 16.94 -27.48
N PHE B 203 -21.32 16.39 -26.40
CA PHE B 203 -22.73 16.54 -26.08
C PHE B 203 -22.96 17.42 -24.87
N HIS B 204 -24.22 17.73 -24.59
CA HIS B 204 -24.56 18.48 -23.40
C HIS B 204 -24.05 17.72 -22.20
N PRO B 205 -23.36 18.42 -21.28
CA PRO B 205 -22.58 17.82 -20.21
C PRO B 205 -23.39 17.61 -18.94
N ASN B 206 -24.69 17.87 -19.00
CA ASN B 206 -25.51 17.86 -17.80
C ASN B 206 -26.87 17.24 -18.00
N SER B 207 -26.90 16.10 -18.66
CA SER B 207 -28.16 15.44 -18.91
C SER B 207 -27.96 14.07 -19.51
N LEU B 208 -29.06 13.33 -19.55
CA LEU B 208 -29.05 12.04 -20.19
C LEU B 208 -28.76 12.27 -21.66
N PHE B 209 -27.96 11.40 -22.25
CA PHE B 209 -27.63 11.48 -23.66
C PHE B 209 -28.89 11.28 -24.45
N SER B 210 -29.25 12.23 -25.31
CA SER B 210 -30.50 12.12 -26.02
C SER B 210 -30.42 12.56 -27.47
N VAL B 211 -29.45 12.04 -28.20
CA VAL B 211 -29.34 12.39 -29.61
C VAL B 211 -30.00 11.36 -30.53
N GLN B 212 -30.87 11.85 -31.41
CA GLN B 212 -31.59 11.02 -32.37
C GLN B 212 -31.16 11.31 -33.82
N VAL B 213 -30.17 12.17 -34.01
CA VAL B 213 -29.65 12.43 -35.34
C VAL B 213 -29.01 11.18 -35.96
N ASN B 214 -29.42 10.88 -37.18
CA ASN B 214 -28.84 9.78 -37.97
C ASN B 214 -27.53 10.27 -38.63
N MET B 215 -26.39 9.82 -38.12
CA MET B 215 -25.10 10.28 -38.63
C MET B 215 -24.34 9.29 -39.48
N SER B 216 -24.27 9.54 -40.78
CA SER B 216 -23.46 8.70 -41.65
C SER B 216 -22.01 9.18 -41.72
N VAL B 217 -21.11 8.23 -41.93
CA VAL B 217 -19.72 8.54 -42.26
C VAL B 217 -19.24 7.48 -43.24
N ASN B 218 -18.39 7.88 -44.17
CA ASN B 218 -17.75 6.93 -45.08
C ASN B 218 -16.39 6.51 -44.53
N ALA B 219 -15.41 7.40 -44.66
CA ALA B 219 -14.06 7.11 -44.23
C ALA B 219 -13.79 7.75 -42.88
N LEU B 220 -13.51 6.92 -41.87
CA LEU B 220 -13.30 7.41 -40.51
C LEU B 220 -12.20 6.63 -39.81
N GLY B 221 -11.25 7.34 -39.20
CA GLY B 221 -10.15 6.66 -38.55
C GLY B 221 -10.41 6.53 -37.06
N HIS B 222 -11.03 7.56 -36.50
CA HIS B 222 -11.22 7.64 -35.07
C HIS B 222 -12.50 8.38 -34.79
N LEU B 223 -13.44 7.70 -34.15
CA LEU B 223 -14.65 8.33 -33.68
C LEU B 223 -14.40 8.65 -32.22
N GLN B 224 -14.84 9.81 -31.78
CA GLN B 224 -14.67 10.15 -30.38
C GLN B 224 -15.83 10.93 -29.79
N LEU B 225 -16.42 10.38 -28.73
CA LEU B 225 -17.60 10.96 -28.11
C LEU B 225 -17.28 11.40 -26.70
N SER B 226 -17.78 12.57 -26.31
CA SER B 226 -17.53 13.13 -24.99
C SER B 226 -18.82 13.58 -24.29
N ASN B 227 -18.90 13.32 -22.99
CA ASN B 227 -20.08 13.62 -22.18
C ASN B 227 -21.24 12.67 -22.47
N ILE B 228 -21.08 11.43 -22.02
CA ILE B 228 -22.09 10.40 -22.23
C ILE B 228 -22.66 9.95 -20.90
N LYS B 229 -23.91 10.30 -20.63
CA LYS B 229 -24.58 9.91 -19.39
C LYS B 229 -25.73 8.96 -19.69
N LEU B 230 -25.62 7.72 -19.21
CA LEU B 230 -26.61 6.70 -19.52
C LEU B 230 -27.15 5.99 -18.29
N ASN B 231 -28.45 5.76 -18.28
CA ASN B 231 -29.01 4.70 -17.44
C ASN B 231 -29.46 3.56 -18.35
N ASP B 232 -30.38 2.72 -17.87
CA ASP B 232 -30.84 1.62 -18.71
C ASP B 232 -31.88 2.10 -19.71
N GLU B 233 -32.60 3.16 -19.34
CA GLU B 233 -33.69 3.71 -20.15
C GLU B 233 -33.25 4.43 -21.42
N ASN B 234 -31.99 4.86 -21.48
CA ASN B 234 -31.47 5.53 -22.67
C ASN B 234 -30.21 4.87 -23.21
N CYS B 235 -29.88 3.70 -22.66
CA CYS B 235 -28.75 2.90 -23.12
C CYS B 235 -28.84 2.68 -24.63
N GLN B 236 -29.99 2.19 -25.08
CA GLN B 236 -30.19 1.87 -26.49
C GLN B 236 -30.11 3.08 -27.42
N ARG B 237 -30.61 4.23 -26.95
CA ARG B 237 -30.48 5.48 -27.71
C ARG B 237 -29.05 5.69 -28.20
N LEU B 238 -28.07 5.48 -27.30
CA LEU B 238 -26.66 5.61 -27.65
C LEU B 238 -26.17 4.55 -28.61
N MET B 239 -26.60 3.30 -28.41
CA MET B 239 -26.19 2.21 -29.28
C MET B 239 -26.70 2.39 -30.71
N THR B 240 -27.90 2.96 -30.84
CA THR B 240 -28.46 3.29 -32.15
C THR B 240 -27.70 4.42 -32.84
N PHE B 241 -27.42 5.47 -32.07
CA PHE B 241 -26.72 6.62 -32.60
C PHE B 241 -25.34 6.21 -33.10
N LEU B 242 -24.75 5.23 -32.42
CA LEU B 242 -23.38 4.79 -32.73
C LEU B 242 -23.41 3.85 -33.91
N SER B 243 -24.51 3.11 -34.02
CA SER B 243 -24.64 2.07 -35.04
C SER B 243 -24.19 2.49 -36.43
N GLU B 244 -24.54 3.71 -36.82
CA GLU B 244 -24.26 4.16 -38.19
C GLU B 244 -22.90 4.87 -38.36
N LEU B 245 -22.35 5.43 -37.29
CA LEU B 245 -21.00 6.00 -37.36
C LEU B 245 -20.00 4.84 -37.33
N THR B 246 -20.50 3.68 -36.94
CA THR B 246 -19.66 2.52 -36.67
C THR B 246 -19.71 1.44 -37.74
N ARG B 247 -20.75 1.45 -38.58
CA ARG B 247 -20.80 0.55 -39.72
C ARG B 247 -19.48 0.70 -40.46
N GLY B 248 -18.91 -0.41 -40.89
CA GLY B 248 -17.54 -0.40 -41.31
C GLY B 248 -17.15 -0.55 -42.77
N PRO B 249 -16.59 0.53 -43.34
CA PRO B 249 -15.53 0.21 -44.30
C PRO B 249 -14.44 -0.55 -43.53
N THR B 250 -13.24 -0.01 -43.50
CA THR B 250 -12.14 -0.69 -42.83
C THR B 250 -12.26 -0.59 -41.31
N LEU B 251 -11.12 -0.52 -40.63
CA LEU B 251 -11.11 -0.45 -39.16
C LEU B 251 -11.11 1.00 -38.69
N LEU B 252 -11.51 1.21 -37.45
CA LEU B 252 -11.45 2.53 -36.84
C LEU B 252 -11.30 2.37 -35.34
N ASN B 253 -10.77 3.42 -34.70
CA ASN B 253 -10.67 3.46 -33.27
C ASN B 253 -11.90 4.18 -32.70
N VAL B 254 -12.28 3.80 -31.48
CA VAL B 254 -13.37 4.49 -30.79
C VAL B 254 -12.92 4.94 -29.40
N THR B 255 -13.26 6.18 -29.05
CA THR B 255 -12.93 6.70 -27.74
C THR B 255 -14.15 7.31 -27.05
N LEU B 256 -14.48 6.76 -25.89
CA LEU B 256 -15.54 7.28 -25.02
C LEU B 256 -14.93 8.10 -23.87
N GLN B 257 -15.34 9.37 -23.73
CA GLN B 257 -14.81 10.23 -22.65
C GLN B 257 -15.91 10.72 -21.73
N HIS B 258 -15.67 10.64 -20.43
CA HIS B 258 -16.65 11.08 -19.45
C HIS B 258 -18.00 10.33 -19.48
N ILE B 259 -17.95 9.00 -19.63
CA ILE B 259 -19.15 8.17 -19.63
C ILE B 259 -19.56 7.80 -18.21
N GLU B 260 -20.73 8.26 -17.79
CA GLU B 260 -21.30 7.76 -16.55
C GLU B 260 -22.41 6.83 -16.96
N THR B 261 -22.34 5.59 -16.51
CA THR B 261 -23.24 4.58 -17.04
C THR B 261 -23.53 3.49 -16.03
N THR B 262 -24.68 2.83 -16.18
CA THR B 262 -24.95 1.59 -15.47
C THR B 262 -23.89 0.54 -15.77
N TRP B 263 -23.79 -0.48 -14.92
CA TRP B 263 -22.97 -1.62 -15.27
C TRP B 263 -23.66 -2.42 -16.38
N LYS B 264 -24.96 -2.69 -16.21
CA LYS B 264 -25.76 -3.36 -17.25
C LYS B 264 -25.48 -2.75 -18.63
N CYS B 265 -25.46 -1.43 -18.67
CA CYS B 265 -25.29 -0.70 -19.92
C CYS B 265 -23.86 -0.78 -20.42
N SER B 266 -22.91 -0.94 -19.50
CA SER B 266 -21.51 -1.02 -19.91
C SER B 266 -21.24 -2.35 -20.59
N VAL B 267 -21.78 -3.42 -20.02
CA VAL B 267 -21.70 -4.75 -20.59
C VAL B 267 -22.43 -4.82 -21.96
N LYS B 268 -23.46 -4.01 -22.11
CA LYS B 268 -24.10 -3.84 -23.41
C LYS B 268 -23.18 -3.09 -24.38
N LEU B 269 -22.67 -1.94 -23.96
CA LEU B 269 -21.73 -1.17 -24.77
C LEU B 269 -20.61 -2.04 -25.33
N PHE B 270 -19.95 -2.83 -24.49
CA PHE B 270 -18.92 -3.75 -24.96
C PHE B 270 -19.46 -4.70 -26.02
N GLN B 271 -20.58 -5.35 -25.73
CA GLN B 271 -21.17 -6.34 -26.64
C GLN B 271 -21.55 -5.72 -27.98
N PHE B 272 -22.00 -4.46 -27.95
CA PHE B 272 -22.36 -3.73 -29.16
C PHE B 272 -21.16 -3.56 -30.07
N PHE B 273 -20.00 -3.40 -29.45
CA PHE B 273 -18.78 -3.13 -30.19
C PHE B 273 -18.15 -4.39 -30.76
N TRP B 274 -18.33 -5.49 -30.06
CA TRP B 274 -17.54 -6.69 -30.35
C TRP B 274 -17.65 -7.17 -31.81
N PRO B 275 -18.87 -7.18 -32.35
CA PRO B 275 -19.06 -7.62 -33.73
C PRO B 275 -18.55 -6.60 -34.75
N ARG B 276 -18.48 -5.34 -34.32
CA ARG B 276 -18.21 -4.24 -35.22
C ARG B 276 -16.71 -4.06 -35.51
N PRO B 277 -16.40 -3.26 -36.54
CA PRO B 277 -15.03 -2.97 -37.03
C PRO B 277 -14.27 -1.99 -36.16
N VAL B 278 -14.14 -2.28 -34.87
CA VAL B 278 -13.36 -1.40 -34.00
C VAL B 278 -12.11 -2.12 -33.52
N GLU B 279 -10.95 -1.59 -33.91
CA GLU B 279 -9.65 -2.19 -33.59
C GLU B 279 -9.15 -1.77 -32.21
N TYR B 280 -9.17 -0.48 -31.94
CA TYR B 280 -8.83 0.02 -30.61
C TYR B 280 -10.01 0.73 -29.95
N LEU B 281 -10.38 0.26 -28.77
CA LEU B 281 -11.43 0.88 -27.97
C LEU B 281 -10.85 1.53 -26.73
N ASN B 282 -11.12 2.81 -26.53
CA ASN B 282 -10.58 3.55 -25.38
C ASN B 282 -11.67 4.24 -24.57
N ILE B 283 -11.58 4.11 -23.26
CA ILE B 283 -12.55 4.75 -22.36
C ILE B 283 -11.82 5.58 -21.30
N TYR B 284 -12.24 6.83 -21.15
CA TYR B 284 -11.58 7.78 -20.23
C TYR B 284 -12.58 8.34 -19.24
N ASN B 285 -12.29 8.26 -17.95
CA ASN B 285 -13.17 8.82 -16.92
C ASN B 285 -14.56 8.15 -16.99
N LEU B 286 -14.55 6.84 -16.79
CA LEU B 286 -15.76 6.04 -16.63
C LEU B 286 -16.31 6.07 -15.20
N THR B 287 -17.65 6.13 -15.06
CA THR B 287 -18.31 6.09 -13.76
C THR B 287 -19.41 5.02 -13.69
N ILE B 288 -19.10 3.85 -13.11
CA ILE B 288 -20.08 2.76 -12.93
C ILE B 288 -21.21 3.18 -11.97
N THR B 289 -22.46 2.90 -12.31
CA THR B 289 -23.53 3.72 -11.73
C THR B 289 -24.54 3.24 -10.70
N GLU B 290 -25.45 2.32 -11.01
CA GLU B 290 -26.54 2.14 -10.04
C GLU B 290 -26.42 0.84 -9.27
N ARG B 291 -25.91 -0.18 -9.96
CA ARG B 291 -25.79 -1.51 -9.40
C ARG B 291 -24.84 -2.29 -10.29
N ILE B 292 -24.27 -3.34 -9.74
CA ILE B 292 -23.44 -4.25 -10.52
C ILE B 292 -23.95 -5.69 -10.33
N ASP B 293 -24.63 -6.21 -11.33
CA ASP B 293 -25.18 -7.57 -11.27
C ASP B 293 -24.53 -8.43 -12.33
N ARG B 294 -24.86 -9.72 -12.32
CA ARG B 294 -24.32 -10.64 -13.32
C ARG B 294 -25.02 -10.37 -14.64
N GLU B 295 -24.25 -9.94 -15.64
CA GLU B 295 -24.81 -9.61 -16.94
C GLU B 295 -24.45 -10.66 -18.00
N GLU B 296 -25.40 -10.91 -18.90
CA GLU B 296 -25.17 -11.86 -19.99
C GLU B 296 -24.19 -11.29 -20.99
N PHE B 297 -23.26 -12.13 -21.42
CA PHE B 297 -22.30 -11.74 -22.45
C PHE B 297 -21.55 -12.96 -22.98
N THR B 298 -21.25 -12.94 -24.28
CA THR B 298 -20.35 -13.90 -24.89
C THR B 298 -19.41 -13.13 -25.81
N TYR B 299 -18.13 -13.45 -25.75
CA TYR B 299 -17.17 -12.85 -26.66
C TYR B 299 -16.83 -13.76 -27.82
N SER B 300 -17.29 -13.37 -29.00
CA SER B 300 -17.03 -14.14 -30.21
C SER B 300 -15.94 -13.43 -30.99
N GLU B 301 -15.50 -14.07 -32.07
CA GLU B 301 -14.56 -13.46 -33.00
C GLU B 301 -14.80 -11.96 -33.07
N THR B 302 -13.73 -11.18 -32.90
CA THR B 302 -13.85 -9.73 -32.89
C THR B 302 -12.69 -9.06 -33.60
N ALA B 303 -12.90 -7.85 -34.09
CA ALA B 303 -11.82 -7.08 -34.69
C ALA B 303 -10.93 -6.43 -33.61
N LEU B 304 -11.49 -6.27 -32.41
CA LEU B 304 -10.80 -5.64 -31.30
C LEU B 304 -9.40 -6.18 -31.04
N LYS B 305 -8.43 -5.29 -31.08
CA LYS B 305 -7.08 -5.62 -30.67
C LYS B 305 -6.84 -5.15 -29.24
N SER B 306 -7.52 -4.07 -28.85
CA SER B 306 -7.19 -3.39 -27.58
C SER B 306 -8.32 -2.67 -26.87
N LEU B 307 -8.63 -3.10 -25.65
CA LEU B 307 -9.43 -2.30 -24.73
C LEU B 307 -8.50 -1.53 -23.79
N MET B 308 -8.83 -0.27 -23.55
CA MET B 308 -8.01 0.56 -22.68
C MET B 308 -8.90 1.46 -21.84
N ILE B 309 -8.95 1.20 -20.54
CA ILE B 309 -9.76 1.98 -19.63
C ILE B 309 -8.86 2.72 -18.64
N GLU B 310 -9.13 4.02 -18.45
CA GLU B 310 -8.31 4.84 -17.56
C GLU B 310 -9.14 5.82 -16.76
N HIS B 311 -8.96 5.78 -15.45
CA HIS B 311 -9.68 6.67 -14.53
C HIS B 311 -11.10 6.21 -14.36
N VAL B 312 -11.33 5.37 -13.36
CA VAL B 312 -12.64 4.80 -13.16
C VAL B 312 -13.14 5.13 -11.78
N LYS B 313 -14.21 5.90 -11.71
CA LYS B 313 -14.87 6.20 -10.44
C LYS B 313 -16.00 5.11 -10.33
N ASN B 314 -16.17 4.48 -9.16
CA ASN B 314 -17.27 3.50 -8.98
C ASN B 314 -18.19 3.80 -7.78
N GLN B 315 -19.48 3.95 -8.04
CA GLN B 315 -20.44 4.38 -7.02
C GLN B 315 -21.21 3.24 -6.35
N VAL B 316 -21.04 2.02 -6.84
CA VAL B 316 -21.63 0.85 -6.20
C VAL B 316 -20.61 0.24 -5.24
N PHE B 317 -21.04 -0.16 -4.04
CA PHE B 317 -20.10 -0.68 -3.04
C PHE B 317 -20.29 -2.14 -2.71
N LEU B 318 -21.55 -2.56 -2.69
CA LEU B 318 -21.89 -3.96 -2.50
C LEU B 318 -22.29 -4.63 -3.83
N PHE B 319 -21.51 -5.63 -4.23
CA PHE B 319 -21.81 -6.37 -5.43
C PHE B 319 -20.87 -7.56 -5.56
N SER B 320 -21.25 -8.58 -6.30
CA SER B 320 -20.34 -9.70 -6.48
C SER B 320 -19.21 -9.32 -7.43
N LYS B 321 -17.98 -9.30 -6.91
CA LYS B 321 -16.85 -8.86 -7.72
C LYS B 321 -16.63 -9.72 -8.97
N GLU B 322 -17.08 -10.98 -8.93
CA GLU B 322 -17.05 -11.82 -10.13
C GLU B 322 -17.81 -11.11 -11.26
N ALA B 323 -19.03 -10.66 -10.94
CA ALA B 323 -19.94 -10.05 -11.91
C ALA B 323 -19.30 -8.91 -12.69
N LEU B 324 -18.32 -8.26 -12.06
CA LEU B 324 -17.62 -7.14 -12.66
C LEU B 324 -16.34 -7.60 -13.33
N TYR B 325 -15.48 -8.33 -12.61
CA TYR B 325 -14.17 -8.68 -13.14
C TYR B 325 -14.17 -9.71 -14.28
N SER B 326 -15.16 -10.60 -14.28
CA SER B 326 -15.17 -11.65 -15.31
C SER B 326 -15.46 -11.05 -16.70
N VAL B 327 -16.32 -10.04 -16.73
CA VAL B 327 -16.61 -9.31 -17.96
C VAL B 327 -15.35 -8.86 -18.71
N PHE B 328 -14.26 -8.60 -17.99
CA PHE B 328 -12.97 -8.30 -18.60
C PHE B 328 -12.09 -9.54 -18.74
N ALA B 329 -12.07 -10.37 -17.72
CA ALA B 329 -11.14 -11.50 -17.70
C ALA B 329 -11.37 -12.43 -18.89
N GLU B 330 -12.65 -12.68 -19.18
CA GLU B 330 -13.04 -13.55 -20.29
C GLU B 330 -13.04 -12.87 -21.67
N MET B 331 -12.32 -11.75 -21.82
CA MET B 331 -12.25 -11.08 -23.11
C MET B 331 -11.21 -11.73 -24.00
N ASN B 332 -11.54 -11.83 -25.29
CA ASN B 332 -10.66 -12.50 -26.26
C ASN B 332 -9.93 -11.54 -27.18
N ILE B 333 -9.29 -10.54 -26.58
CA ILE B 333 -8.49 -9.59 -27.30
C ILE B 333 -7.02 -9.77 -26.90
N LYS B 334 -6.10 -9.12 -27.61
CA LYS B 334 -4.67 -9.23 -27.31
C LYS B 334 -4.19 -8.28 -26.21
N MET B 335 -4.78 -7.09 -26.15
CA MET B 335 -4.35 -6.12 -25.15
C MET B 335 -5.47 -5.55 -24.29
N LEU B 336 -5.30 -5.66 -22.98
CA LEU B 336 -6.21 -5.06 -22.01
C LEU B 336 -5.43 -4.18 -21.05
N SER B 337 -5.77 -2.90 -21.01
CA SER B 337 -5.28 -1.99 -19.98
C SER B 337 -6.46 -1.49 -19.13
N ILE B 338 -6.36 -1.62 -17.81
CA ILE B 338 -7.31 -0.97 -16.92
C ILE B 338 -6.57 -0.24 -15.80
N SER B 339 -6.57 1.09 -15.85
CA SER B 339 -5.72 1.90 -14.96
C SER B 339 -6.43 3.01 -14.18
N ASP B 340 -5.88 3.36 -13.03
CA ASP B 340 -6.44 4.45 -12.22
C ASP B 340 -7.91 4.20 -11.82
N THR B 341 -8.15 3.08 -11.14
CA THR B 341 -9.47 2.69 -10.74
C THR B 341 -9.41 2.23 -9.30
N PRO B 342 -10.57 2.02 -8.65
CA PRO B 342 -10.60 1.47 -7.29
C PRO B 342 -10.48 -0.05 -7.25
N PHE B 343 -10.19 -0.70 -8.38
CA PHE B 343 -10.20 -2.16 -8.43
C PHE B 343 -9.15 -2.78 -7.50
N ILE B 344 -9.51 -3.89 -6.86
CA ILE B 344 -8.64 -4.54 -5.88
C ILE B 344 -8.02 -5.84 -6.40
N HIS B 345 -8.38 -6.20 -7.63
CA HIS B 345 -8.07 -7.53 -8.15
C HIS B 345 -8.40 -7.70 -9.63
N MET B 346 -7.88 -8.76 -10.23
CA MET B 346 -8.35 -9.21 -11.53
C MET B 346 -8.41 -10.74 -11.51
N VAL B 347 -9.51 -11.27 -12.02
CA VAL B 347 -9.76 -12.71 -12.04
C VAL B 347 -8.87 -13.39 -13.08
N CYS B 348 -8.49 -14.64 -12.84
CA CYS B 348 -7.77 -15.42 -13.84
C CYS B 348 -8.76 -15.91 -14.94
N PRO B 349 -8.39 -15.72 -16.21
CA PRO B 349 -9.26 -16.20 -17.30
C PRO B 349 -9.68 -17.67 -17.07
N PRO B 350 -10.96 -18.00 -17.34
CA PRO B 350 -11.48 -19.35 -17.06
C PRO B 350 -10.94 -20.37 -18.05
N SER B 351 -10.67 -19.91 -19.27
CA SER B 351 -10.12 -20.73 -20.34
C SER B 351 -8.89 -20.00 -20.85
N PRO B 352 -7.96 -20.73 -21.50
CA PRO B 352 -6.75 -20.11 -22.07
C PRO B 352 -7.08 -18.84 -22.85
N SER B 353 -6.59 -17.68 -22.40
CA SER B 353 -6.90 -16.44 -23.10
C SER B 353 -5.85 -16.14 -24.15
N SER B 354 -5.97 -14.98 -24.77
CA SER B 354 -5.07 -14.61 -25.85
C SER B 354 -4.44 -13.28 -25.51
N PHE B 355 -4.73 -12.78 -24.32
CA PHE B 355 -4.04 -11.62 -23.79
C PHE B 355 -2.55 -11.84 -23.98
N THR B 356 -1.90 -10.88 -24.63
CA THR B 356 -0.46 -10.89 -24.70
C THR B 356 0.09 -9.61 -24.09
N PHE B 357 -0.82 -8.74 -23.70
CA PHE B 357 -0.47 -7.47 -23.07
C PHE B 357 -1.46 -7.09 -21.97
N LEU B 358 -0.93 -6.86 -20.77
CA LEU B 358 -1.75 -6.49 -19.63
C LEU B 358 -1.11 -5.33 -18.90
N ASN B 359 -1.90 -4.28 -18.65
CA ASN B 359 -1.42 -3.06 -18.02
C ASN B 359 -2.46 -2.59 -17.03
N PHE B 360 -2.27 -2.95 -15.76
CA PHE B 360 -3.17 -2.54 -14.69
C PHE B 360 -2.47 -1.54 -13.78
N THR B 361 -2.19 -0.36 -14.33
CA THR B 361 -1.47 0.69 -13.60
C THR B 361 -2.36 1.41 -12.59
N GLN B 362 -1.79 1.70 -11.43
CA GLN B 362 -2.44 2.57 -10.45
C GLN B 362 -3.84 2.11 -10.05
N ASN B 363 -3.94 0.89 -9.55
CA ASN B 363 -5.17 0.44 -8.94
C ASN B 363 -4.88 0.11 -7.50
N VAL B 364 -5.55 -0.90 -6.97
CA VAL B 364 -5.28 -1.38 -5.63
C VAL B 364 -5.14 -2.90 -5.65
N PHE B 365 -4.40 -3.41 -6.64
CA PHE B 365 -4.15 -4.86 -6.79
C PHE B 365 -3.24 -5.43 -5.70
N THR B 366 -3.32 -6.73 -5.49
CA THR B 366 -2.49 -7.36 -4.47
C THR B 366 -1.64 -8.48 -5.08
N ASP B 367 -0.76 -9.05 -4.27
CA ASP B 367 0.13 -10.12 -4.72
C ASP B 367 -0.61 -11.41 -5.01
N SER B 368 -1.90 -11.46 -4.66
CA SER B 368 -2.70 -12.64 -4.98
C SER B 368 -3.22 -12.59 -6.42
N VAL B 369 -3.05 -11.45 -7.08
CA VAL B 369 -3.44 -11.35 -8.47
C VAL B 369 -2.77 -12.46 -9.27
N PHE B 370 -3.60 -13.16 -10.07
CA PHE B 370 -3.14 -14.25 -10.93
C PHE B 370 -2.35 -15.36 -10.20
N GLN B 371 -2.67 -15.61 -8.94
CA GLN B 371 -1.98 -16.69 -8.24
C GLN B 371 -2.25 -18.01 -8.93
N GLY B 372 -1.18 -18.73 -9.26
CA GLY B 372 -1.29 -20.01 -9.93
C GLY B 372 -2.21 -19.97 -11.13
N CYS B 373 -2.12 -18.90 -11.90
CA CYS B 373 -2.96 -18.76 -13.09
C CYS B 373 -2.26 -19.34 -14.30
N SER B 374 -2.83 -20.41 -14.83
CA SER B 374 -2.19 -21.20 -15.89
C SER B 374 -2.84 -20.93 -17.24
N THR B 375 -3.35 -19.72 -17.39
CA THR B 375 -4.27 -19.44 -18.46
C THR B 375 -3.89 -18.10 -19.10
N LEU B 376 -2.65 -17.69 -18.83
CA LEU B 376 -2.06 -16.51 -19.45
C LEU B 376 -0.73 -16.90 -20.09
N LYS B 377 -0.72 -18.06 -20.74
CA LYS B 377 0.51 -18.59 -21.33
C LYS B 377 0.89 -17.85 -22.61
N ARG B 378 0.05 -16.95 -23.08
CA ARG B 378 0.41 -16.14 -24.24
C ARG B 378 0.91 -14.77 -23.80
N LEU B 379 0.53 -14.39 -22.57
CA LEU B 379 0.91 -13.09 -21.98
C LEU B 379 2.41 -12.79 -22.00
N GLN B 380 2.78 -11.71 -22.69
CA GLN B 380 4.18 -11.37 -22.88
C GLN B 380 4.63 -10.24 -21.97
N THR B 381 3.77 -9.24 -21.83
CA THR B 381 4.10 -8.09 -21.03
C THR B 381 2.98 -7.83 -20.04
N LEU B 382 3.32 -7.86 -18.77
CA LEU B 382 2.36 -7.58 -17.72
C LEU B 382 2.85 -6.39 -16.90
N ILE B 383 1.94 -5.45 -16.61
CA ILE B 383 2.30 -4.23 -15.92
C ILE B 383 1.40 -4.01 -14.70
N LEU B 384 2.01 -4.01 -13.52
CA LEU B 384 1.29 -3.86 -12.27
C LEU B 384 1.78 -2.64 -11.46
N GLN B 385 2.42 -1.71 -12.16
CA GLN B 385 2.96 -0.50 -11.55
C GLN B 385 1.92 0.33 -10.78
N ARG B 386 2.28 0.73 -9.57
CA ARG B 386 1.45 1.60 -8.73
C ARG B 386 0.27 0.87 -8.11
N ASN B 387 0.54 -0.28 -7.50
CA ASN B 387 -0.47 -1.03 -6.77
C ASN B 387 -0.01 -1.40 -5.35
N GLY B 388 -0.63 -2.42 -4.76
CA GLY B 388 -0.31 -2.80 -3.39
C GLY B 388 0.37 -4.15 -3.24
N LEU B 389 1.20 -4.55 -4.20
CA LEU B 389 1.85 -5.86 -4.13
C LEU B 389 2.82 -5.94 -2.96
N LYS B 390 2.56 -6.83 -2.00
CA LYS B 390 3.39 -6.88 -0.79
C LYS B 390 4.60 -7.83 -0.91
N ASN B 391 4.32 -9.11 -1.12
CA ASN B 391 5.32 -10.16 -0.98
C ASN B 391 6.09 -10.54 -2.25
N PHE B 392 7.26 -9.93 -2.44
CA PHE B 392 8.14 -10.22 -3.58
C PHE B 392 8.20 -11.69 -4.01
N PHE B 393 8.05 -12.62 -3.07
CA PHE B 393 8.17 -14.03 -3.42
C PHE B 393 6.85 -14.61 -3.92
N LYS B 394 5.75 -14.00 -3.50
CA LYS B 394 4.45 -14.34 -4.05
C LYS B 394 4.39 -13.85 -5.50
N VAL B 395 4.95 -12.68 -5.74
CA VAL B 395 5.06 -12.09 -7.08
C VAL B 395 5.92 -12.93 -8.04
N ALA B 396 6.72 -13.85 -7.49
CA ALA B 396 7.52 -14.72 -8.33
C ALA B 396 6.69 -15.93 -8.68
N LEU B 397 5.92 -16.41 -7.71
CA LEU B 397 5.10 -17.59 -7.88
C LEU B 397 3.97 -17.33 -8.87
N MET B 398 3.66 -16.05 -9.06
CA MET B 398 2.62 -15.62 -9.98
C MET B 398 2.95 -15.96 -11.43
N THR B 399 4.21 -15.79 -11.80
CA THR B 399 4.63 -15.98 -13.18
C THR B 399 4.97 -17.43 -13.50
N LYS B 400 4.84 -18.30 -12.52
CA LYS B 400 5.22 -19.71 -12.66
C LYS B 400 4.81 -20.31 -14.00
N ASN B 401 3.56 -20.10 -14.40
CA ASN B 401 3.06 -20.67 -15.64
C ASN B 401 2.64 -19.61 -16.68
N MET B 402 3.51 -18.63 -16.86
CA MET B 402 3.27 -17.52 -17.76
C MET B 402 4.27 -17.64 -18.89
N SER B 403 4.26 -18.81 -19.51
CA SER B 403 5.25 -19.24 -20.48
C SER B 403 5.73 -18.23 -21.53
N SER B 404 5.14 -17.05 -21.62
CA SER B 404 5.56 -16.08 -22.63
C SER B 404 6.03 -14.76 -22.04
N LEU B 405 5.97 -14.64 -20.71
CA LEU B 405 6.33 -13.41 -20.03
C LEU B 405 7.77 -13.02 -20.32
N GLU B 406 7.96 -11.79 -20.81
CA GLU B 406 9.30 -11.25 -21.03
C GLU B 406 9.47 -9.98 -20.22
N THR B 407 8.39 -9.21 -20.07
CA THR B 407 8.47 -7.97 -19.33
C THR B 407 7.50 -7.95 -18.16
N LEU B 408 8.03 -7.73 -16.97
CA LEU B 408 7.20 -7.63 -15.78
C LEU B 408 7.57 -6.34 -15.08
N ASP B 409 6.64 -5.41 -15.04
CA ASP B 409 6.82 -4.21 -14.25
C ASP B 409 5.96 -4.23 -13.00
N VAL B 410 6.55 -4.61 -11.87
CA VAL B 410 5.85 -4.52 -10.61
C VAL B 410 6.42 -3.40 -9.75
N SER B 411 6.78 -2.29 -10.41
CA SER B 411 7.37 -1.15 -9.71
C SER B 411 6.33 -0.33 -8.95
N LEU B 412 6.80 0.64 -8.18
CA LEU B 412 5.93 1.50 -7.40
C LEU B 412 4.84 0.77 -6.61
N ASN B 413 5.12 -0.45 -6.21
CA ASN B 413 4.27 -1.15 -5.24
C ASN B 413 4.83 -1.04 -3.81
N SER B 414 4.57 -2.07 -2.98
CA SER B 414 5.08 -2.11 -1.60
C SER B 414 5.82 -3.40 -1.31
N LEU B 415 6.63 -3.83 -2.27
CA LEU B 415 7.34 -5.09 -2.16
C LEU B 415 8.47 -5.15 -1.09
N ASN B 416 8.75 -6.36 -0.62
CA ASN B 416 9.86 -6.58 0.30
C ASN B 416 10.23 -8.06 0.39
N SER B 417 11.52 -8.32 0.44
CA SER B 417 12.02 -9.68 0.37
C SER B 417 12.27 -10.31 1.74
N HIS B 418 11.53 -9.84 2.75
CA HIS B 418 11.68 -10.39 4.09
C HIS B 418 10.78 -11.60 4.35
N ALA B 419 10.14 -12.09 3.30
CA ALA B 419 9.23 -13.22 3.43
C ALA B 419 9.85 -14.36 4.22
N TYR B 420 9.09 -14.89 5.17
CA TYR B 420 9.44 -16.10 5.91
C TYR B 420 9.81 -17.25 4.96
N ASP B 421 8.91 -17.52 4.02
CA ASP B 421 9.09 -18.55 2.99
C ASP B 421 9.71 -17.91 1.75
N ARG B 422 11.02 -18.06 1.58
CA ARG B 422 11.74 -17.41 0.48
C ARG B 422 11.98 -18.31 -0.73
N THR B 423 10.96 -19.08 -1.11
CA THR B 423 11.08 -20.02 -2.24
C THR B 423 10.91 -19.37 -3.62
N CYS B 424 11.85 -19.68 -4.51
CA CYS B 424 11.91 -19.09 -5.84
C CYS B 424 11.22 -19.99 -6.84
N ALA B 425 10.48 -19.36 -7.76
CA ALA B 425 9.76 -20.04 -8.84
C ALA B 425 9.50 -19.12 -10.03
N TRP B 426 10.50 -18.32 -10.39
CA TRP B 426 10.35 -17.34 -11.47
C TRP B 426 10.09 -17.99 -12.82
N ALA B 427 9.43 -17.25 -13.70
CA ALA B 427 9.28 -17.67 -15.07
C ALA B 427 10.64 -17.59 -15.74
N GLU B 428 11.10 -18.71 -16.27
CA GLU B 428 12.44 -18.83 -16.81
C GLU B 428 12.65 -17.88 -17.99
N SER B 429 11.60 -17.17 -18.37
CA SER B 429 11.61 -16.42 -19.62
C SER B 429 11.69 -14.90 -19.48
N ILE B 430 11.59 -14.40 -18.24
CA ILE B 430 11.62 -12.95 -18.02
C ILE B 430 12.93 -12.34 -18.49
N LEU B 431 12.85 -11.24 -19.23
CA LEU B 431 14.06 -10.56 -19.70
C LEU B 431 14.15 -9.17 -19.10
N VAL B 432 13.01 -8.53 -18.93
CA VAL B 432 12.97 -7.21 -18.32
C VAL B 432 12.11 -7.21 -17.07
N LEU B 433 12.68 -6.79 -15.97
CA LEU B 433 12.00 -6.88 -14.70
C LEU B 433 12.19 -5.59 -13.89
N ASN B 434 11.19 -4.70 -13.96
CA ASN B 434 11.23 -3.49 -13.17
C ASN B 434 10.75 -3.74 -11.75
N LEU B 435 11.68 -3.67 -10.80
CA LEU B 435 11.39 -3.87 -9.39
C LEU B 435 11.58 -2.56 -8.66
N SER B 436 11.71 -1.48 -9.43
CA SER B 436 12.12 -0.18 -8.90
C SER B 436 11.05 0.48 -8.05
N SER B 437 11.47 1.09 -6.94
CA SER B 437 10.58 1.86 -6.06
C SER B 437 9.67 1.03 -5.16
N ASN B 438 10.25 0.05 -4.49
CA ASN B 438 9.56 -0.62 -3.41
C ASN B 438 10.42 -0.58 -2.15
N MET B 439 10.34 -1.64 -1.37
CA MET B 439 11.06 -1.73 -0.10
C MET B 439 11.90 -2.99 -0.09
N LEU B 440 12.27 -3.44 -1.29
CA LEU B 440 13.11 -4.61 -1.43
C LEU B 440 14.42 -4.44 -0.71
N THR B 441 14.79 -5.48 0.05
CA THR B 441 16.12 -5.55 0.63
C THR B 441 17.04 -6.33 -0.31
N GLY B 442 18.17 -6.80 0.17
CA GLY B 442 19.15 -7.42 -0.70
C GLY B 442 18.91 -8.87 -1.06
N SER B 443 18.17 -9.58 -0.21
CA SER B 443 17.86 -10.99 -0.45
C SER B 443 17.20 -11.14 -1.81
N VAL B 444 16.85 -9.99 -2.40
CA VAL B 444 16.24 -9.91 -3.70
C VAL B 444 17.13 -10.57 -4.78
N PHE B 445 18.40 -10.75 -4.47
CA PHE B 445 19.32 -11.39 -5.41
C PHE B 445 19.39 -12.92 -5.25
N ARG B 446 18.75 -13.44 -4.20
CA ARG B 446 18.62 -14.87 -3.99
C ARG B 446 17.64 -15.48 -4.98
N CYS B 447 16.80 -14.61 -5.55
CA CYS B 447 15.67 -15.05 -6.34
C CYS B 447 15.41 -14.10 -7.53
N LEU B 448 16.04 -14.40 -8.66
CA LEU B 448 15.84 -13.59 -9.86
C LEU B 448 15.76 -14.48 -11.11
N PRO B 449 14.90 -14.10 -12.05
CA PRO B 449 14.68 -14.86 -13.30
C PRO B 449 15.98 -15.29 -13.96
N PRO B 450 16.11 -16.59 -14.26
CA PRO B 450 17.35 -17.15 -14.82
C PRO B 450 18.00 -16.25 -15.86
N LYS B 451 17.31 -15.95 -16.96
CA LYS B 451 17.94 -15.28 -18.10
C LYS B 451 17.68 -13.77 -18.16
N VAL B 452 17.67 -13.07 -17.03
CA VAL B 452 17.35 -11.63 -17.06
C VAL B 452 18.34 -10.82 -17.89
N LYS B 453 17.85 -9.73 -18.49
CA LYS B 453 18.69 -8.86 -19.30
C LYS B 453 18.63 -7.42 -18.78
N VAL B 454 17.55 -7.08 -18.09
CA VAL B 454 17.39 -5.74 -17.53
C VAL B 454 16.85 -5.87 -16.12
N LEU B 455 17.43 -5.15 -15.17
CA LEU B 455 16.99 -5.27 -13.78
C LEU B 455 16.96 -3.92 -13.09
N ASP B 456 15.82 -3.24 -13.12
CA ASP B 456 15.70 -1.93 -12.50
C ASP B 456 15.30 -2.01 -11.01
N LEU B 457 16.29 -1.91 -10.14
CA LEU B 457 16.06 -2.01 -8.70
C LEU B 457 16.24 -0.68 -7.97
N HIS B 458 16.18 0.43 -8.70
CA HIS B 458 16.41 1.74 -8.08
C HIS B 458 15.29 2.12 -7.13
N ASN B 459 15.62 3.01 -6.21
CA ASN B 459 14.66 3.48 -5.22
C ASN B 459 14.19 2.36 -4.30
N ASN B 460 15.12 1.49 -3.93
CA ASN B 460 14.82 0.49 -2.92
C ASN B 460 15.62 0.61 -1.63
N ARG B 461 15.80 -0.50 -0.92
CA ARG B 461 16.38 -0.45 0.40
C ARG B 461 17.44 -1.52 0.62
N ILE B 462 18.37 -1.61 -0.33
CA ILE B 462 19.39 -2.66 -0.34
C ILE B 462 20.73 -2.24 0.25
N MET B 463 21.12 -2.88 1.35
CA MET B 463 22.51 -2.89 1.81
C MET B 463 22.93 -4.34 1.80
N SER B 464 22.07 -5.14 2.45
CA SER B 464 22.20 -6.59 2.49
C SER B 464 22.42 -7.24 1.10
N ILE B 465 23.67 -7.30 0.62
CA ILE B 465 23.97 -8.03 -0.64
C ILE B 465 24.57 -9.41 -0.41
N PRO B 466 24.03 -10.44 -1.11
CA PRO B 466 24.47 -11.82 -1.00
C PRO B 466 25.52 -12.20 -2.05
N LYS B 467 25.97 -13.45 -1.99
CA LYS B 467 26.93 -14.01 -2.94
C LYS B 467 26.22 -14.76 -4.07
N ASP B 468 25.07 -14.23 -4.49
CA ASP B 468 24.28 -14.84 -5.56
C ASP B 468 24.16 -13.92 -6.77
N VAL B 469 24.95 -12.84 -6.79
CA VAL B 469 24.89 -11.86 -7.87
C VAL B 469 25.66 -12.33 -9.11
N THR B 470 26.33 -13.47 -8.99
CA THR B 470 27.10 -14.03 -10.10
C THR B 470 26.53 -15.37 -10.59
N HIS B 471 25.47 -15.84 -9.94
CA HIS B 471 24.78 -17.06 -10.37
C HIS B 471 23.65 -16.67 -11.33
N LEU B 472 23.74 -15.44 -11.82
CA LEU B 472 22.72 -14.85 -12.70
C LEU B 472 23.41 -13.93 -13.70
N GLN B 473 24.06 -14.55 -14.68
CA GLN B 473 25.06 -13.92 -15.54
C GLN B 473 24.59 -13.67 -16.96
N ALA B 474 23.83 -12.60 -17.16
CA ALA B 474 23.31 -12.33 -18.49
C ALA B 474 22.74 -10.93 -18.59
N LEU B 475 22.76 -10.20 -17.47
CA LEU B 475 22.27 -8.82 -17.44
C LEU B 475 23.05 -7.94 -18.42
N GLN B 476 22.46 -6.82 -18.81
CA GLN B 476 23.10 -5.86 -19.69
C GLN B 476 22.88 -4.49 -19.10
N GLU B 477 21.71 -4.31 -18.49
CA GLU B 477 21.39 -3.08 -17.79
C GLU B 477 21.19 -3.43 -16.34
N LEU B 478 21.53 -2.49 -15.47
CA LEU B 478 21.42 -2.65 -14.02
C LEU B 478 21.26 -1.30 -13.37
N ASN B 479 20.36 -1.24 -12.39
CA ASN B 479 20.14 0.00 -11.68
C ASN B 479 19.94 -0.26 -10.20
N VAL B 480 21.01 -0.08 -9.45
CA VAL B 480 20.95 -0.21 -8.01
C VAL B 480 21.04 1.17 -7.39
N ALA B 481 20.74 2.18 -8.19
CA ALA B 481 20.78 3.57 -7.74
C ALA B 481 19.89 3.81 -6.52
N SER B 482 19.83 5.06 -6.09
CA SER B 482 19.03 5.46 -4.92
C SER B 482 18.72 4.35 -3.91
N ASN B 483 19.77 3.70 -3.39
CA ASN B 483 19.61 2.69 -2.34
C ASN B 483 20.31 3.02 -1.01
N GLN B 484 20.76 1.98 -0.32
CA GLN B 484 21.42 2.13 0.98
C GLN B 484 22.75 1.37 1.01
N LEU B 485 23.33 1.14 -0.16
CA LEU B 485 24.56 0.37 -0.29
C LEU B 485 25.80 1.15 0.15
N LYS B 486 26.60 0.53 1.01
CA LYS B 486 27.86 1.13 1.45
C LYS B 486 29.03 0.52 0.68
N SER B 487 29.10 -0.80 0.65
CA SER B 487 30.08 -1.46 -0.21
C SER B 487 29.49 -2.67 -0.93
N VAL B 488 30.28 -3.25 -1.83
CA VAL B 488 29.85 -4.37 -2.64
C VAL B 488 30.86 -5.50 -2.55
N PRO B 489 30.43 -6.68 -2.07
CA PRO B 489 31.38 -7.79 -1.92
C PRO B 489 32.34 -7.88 -3.10
N ASP B 490 33.63 -8.10 -2.81
CA ASP B 490 34.68 -8.12 -3.82
C ASP B 490 34.51 -9.31 -4.77
N GLY B 491 34.33 -9.02 -6.06
CA GLY B 491 34.28 -10.06 -7.08
C GLY B 491 32.91 -10.35 -7.69
N VAL B 492 32.04 -9.35 -7.74
CA VAL B 492 30.72 -9.51 -8.35
C VAL B 492 30.70 -9.10 -9.82
N PHE B 493 30.70 -7.80 -10.06
CA PHE B 493 30.71 -7.23 -11.41
C PHE B 493 31.74 -7.86 -12.35
N ASP B 494 32.52 -8.82 -11.84
CA ASP B 494 33.48 -9.56 -12.64
C ASP B 494 32.74 -10.55 -13.53
N ARG B 495 31.87 -11.34 -12.93
CA ARG B 495 31.16 -12.41 -13.65
C ARG B 495 29.97 -11.86 -14.45
N LEU B 496 29.60 -10.61 -14.19
CA LEU B 496 28.54 -9.95 -14.96
C LEU B 496 29.03 -9.59 -16.35
N THR B 497 29.67 -10.54 -17.01
CA THR B 497 30.35 -10.34 -18.30
C THR B 497 29.54 -9.61 -19.39
N SER B 498 28.21 -9.65 -19.25
CA SER B 498 27.31 -9.12 -20.27
C SER B 498 26.83 -7.71 -19.89
N LEU B 499 27.15 -7.30 -18.67
CA LEU B 499 26.83 -5.96 -18.17
C LEU B 499 27.30 -4.86 -19.13
N GLN B 500 26.53 -3.79 -19.26
CA GLN B 500 26.89 -2.66 -20.13
C GLN B 500 26.34 -1.34 -19.62
N TYR B 501 25.33 -1.45 -18.75
CA TYR B 501 24.71 -0.30 -18.14
C TYR B 501 24.62 -0.60 -16.67
N ILE B 502 24.87 0.41 -15.85
CA ILE B 502 24.81 0.22 -14.41
C ILE B 502 24.67 1.57 -13.75
N TRP B 503 23.62 1.72 -12.95
CA TRP B 503 23.38 2.96 -12.24
C TRP B 503 23.82 2.81 -10.79
N LEU B 504 24.95 3.41 -10.46
CA LEU B 504 25.50 3.26 -9.11
C LEU B 504 25.21 4.47 -8.24
N HIS B 505 24.73 5.56 -8.84
CA HIS B 505 24.57 6.83 -8.13
C HIS B 505 23.68 6.78 -6.88
N ASP B 506 23.55 7.92 -6.22
CA ASP B 506 22.77 8.09 -4.99
C ASP B 506 22.85 6.98 -3.94
N ASN B 507 24.06 6.46 -3.72
CA ASN B 507 24.33 5.44 -2.69
C ASN B 507 25.40 5.91 -1.72
N PRO B 508 25.19 5.60 -0.43
CA PRO B 508 26.09 5.97 0.68
C PRO B 508 27.31 5.07 0.81
N TRP B 509 28.24 5.12 -0.14
CA TRP B 509 29.38 4.21 -0.17
C TRP B 509 30.45 4.49 0.90
N ASP B 510 30.87 3.47 1.64
CA ASP B 510 31.98 3.59 2.59
C ASP B 510 33.28 3.66 1.82
N CYS B 511 33.99 4.80 1.96
CA CYS B 511 35.19 5.05 1.17
C CYS B 511 36.51 4.92 1.94
N THR B 512 36.51 4.11 3.00
CA THR B 512 37.73 3.81 3.73
C THR B 512 38.55 2.80 2.93
N CYS B 513 39.82 3.10 2.72
CA CYS B 513 40.64 2.39 1.73
C CYS B 513 40.71 0.84 1.79
N PRO B 514 40.72 0.26 3.00
CA PRO B 514 40.86 -1.21 3.06
C PRO B 514 39.88 -2.03 2.19
N GLY B 515 38.74 -1.46 1.80
CA GLY B 515 37.73 -2.21 1.07
C GLY B 515 36.93 -1.49 -0.01
N ILE B 516 37.29 -0.23 -0.27
CA ILE B 516 36.65 0.54 -1.34
C ILE B 516 37.50 0.52 -2.60
N ARG B 517 38.56 -0.30 -2.57
CA ARG B 517 39.46 -0.45 -3.71
C ARG B 517 38.77 -1.10 -4.91
N TYR B 518 38.16 -2.26 -4.67
CA TYR B 518 37.54 -3.05 -5.74
C TYR B 518 36.63 -2.22 -6.64
N LEU B 519 35.78 -1.42 -6.03
CA LEU B 519 34.80 -0.65 -6.77
C LEU B 519 35.47 0.47 -7.54
N SER B 520 36.54 1.00 -6.98
CA SER B 520 37.27 2.09 -7.61
C SER B 520 38.06 1.62 -8.83
N GLU B 521 38.78 0.51 -8.68
CA GLU B 521 39.47 -0.09 -9.81
C GLU B 521 38.45 -0.43 -10.89
N TRP B 522 37.25 -0.81 -10.44
CA TRP B 522 36.18 -1.19 -11.36
C TRP B 522 35.64 0.00 -12.16
N ILE B 523 35.06 0.99 -11.49
CA ILE B 523 34.46 2.14 -12.19
C ILE B 523 35.42 2.68 -13.26
N ASN B 524 36.71 2.60 -12.96
CA ASN B 524 37.74 3.13 -13.85
C ASN B 524 38.00 2.23 -15.05
N LYS B 525 38.13 0.93 -14.80
CA LYS B 525 38.32 -0.03 -15.87
C LYS B 525 37.07 -0.11 -16.74
N HIS B 526 35.95 0.36 -16.21
CA HIS B 526 34.69 0.41 -16.96
C HIS B 526 34.05 1.77 -16.80
N SER B 527 34.69 2.78 -17.37
CA SER B 527 34.23 4.17 -17.24
C SER B 527 32.93 4.41 -18.03
N GLY B 528 32.84 3.79 -19.20
CA GLY B 528 31.70 3.98 -20.08
C GLY B 528 30.44 3.24 -19.63
N VAL B 529 30.62 2.22 -18.80
CA VAL B 529 29.51 1.37 -18.33
C VAL B 529 28.59 2.09 -17.34
N VAL B 530 29.15 3.00 -16.56
CA VAL B 530 28.41 3.70 -15.50
C VAL B 530 27.57 4.89 -16.02
N ARG B 531 26.26 4.83 -15.81
CA ARG B 531 25.36 5.89 -16.26
C ARG B 531 24.98 6.78 -15.09
N ASN B 532 24.43 7.95 -15.39
CA ASN B 532 23.93 8.84 -14.33
C ASN B 532 22.40 8.88 -14.21
N SER B 533 21.91 9.67 -13.27
CA SER B 533 20.47 9.81 -13.00
C SER B 533 19.70 10.39 -14.20
N ALA B 534 20.42 10.66 -15.29
CA ALA B 534 19.84 11.22 -16.49
C ALA B 534 19.87 10.18 -17.61
N GLY B 535 21.05 9.63 -17.87
CA GLY B 535 21.19 8.58 -18.86
C GLY B 535 22.52 8.54 -19.59
N SER B 536 23.36 9.54 -19.38
CA SER B 536 24.66 9.60 -20.06
C SER B 536 25.83 9.10 -19.21
N VAL B 537 26.92 8.74 -19.88
CA VAL B 537 28.13 8.21 -19.25
C VAL B 537 28.62 9.11 -18.13
N ALA B 538 28.90 8.53 -16.96
CA ALA B 538 29.32 9.31 -15.80
C ALA B 538 29.87 8.44 -14.67
N PRO B 539 31.21 8.31 -14.60
CA PRO B 539 31.90 7.62 -13.49
C PRO B 539 31.96 8.48 -12.22
N ASP B 540 31.61 9.76 -12.33
CA ASP B 540 31.54 10.67 -11.18
C ASP B 540 30.32 10.34 -10.31
N SER B 541 29.27 9.87 -10.97
CA SER B 541 27.96 9.60 -10.37
C SER B 541 27.99 8.92 -9.00
N ALA B 542 28.85 7.91 -8.86
CA ALA B 542 29.05 7.25 -7.57
C ALA B 542 29.81 8.17 -6.61
N LYS B 543 29.28 8.37 -5.40
CA LYS B 543 29.89 9.28 -4.42
C LYS B 543 30.09 8.65 -3.01
N CYS B 544 30.82 9.35 -2.13
CA CYS B 544 31.18 8.83 -0.82
C CYS B 544 30.35 9.42 0.34
N SER B 545 30.06 8.59 1.34
CA SER B 545 29.39 9.06 2.55
C SER B 545 30.35 9.87 3.41
N GLY B 546 30.46 11.16 3.14
CA GLY B 546 31.31 12.03 3.93
C GLY B 546 31.89 13.22 3.18
N SER B 547 32.69 12.95 2.16
CA SER B 547 33.30 14.02 1.37
C SER B 547 32.43 14.38 0.18
N GLY B 548 31.86 13.36 -0.49
CA GLY B 548 31.11 13.55 -1.71
C GLY B 548 32.02 13.30 -2.89
N LYS B 549 33.21 12.78 -2.58
CA LYS B 549 34.24 12.53 -3.57
C LYS B 549 33.88 11.33 -4.43
N PRO B 550 33.92 11.51 -5.76
CA PRO B 550 33.81 10.40 -6.72
C PRO B 550 34.68 9.19 -6.36
N VAL B 551 34.03 8.05 -6.14
CA VAL B 551 34.71 6.83 -5.69
C VAL B 551 35.87 6.42 -6.58
N ARG B 552 35.82 6.80 -7.85
CA ARG B 552 36.85 6.43 -8.82
C ARG B 552 38.08 7.35 -8.74
N SER B 553 37.97 8.40 -7.94
CA SER B 553 39.10 9.28 -7.69
C SER B 553 40.08 8.59 -6.75
N ILE B 554 39.53 7.89 -5.77
CA ILE B 554 40.29 7.29 -4.68
C ILE B 554 41.35 6.26 -5.09
N ILE B 555 42.56 6.39 -4.53
CA ILE B 555 43.69 5.52 -4.83
C ILE B 555 44.20 4.83 -3.56
N CYS B 556 43.96 3.53 -3.45
CA CYS B 556 44.34 2.78 -2.26
C CYS B 556 45.48 1.82 -2.57
N PRO B 557 46.69 2.13 -2.06
CA PRO B 557 47.97 1.44 -2.27
C PRO B 557 48.14 0.12 -1.50
N CYS C 1 -17.68 -5.22 -0.90
CA CYS C 1 -18.14 -6.45 -0.26
C CYS C 1 -19.39 -6.88 -0.99
N SER C 2 -19.87 -8.09 -0.74
CA SER C 2 -21.12 -8.49 -1.38
C SER C 2 -22.20 -8.92 -0.40
N LYS C 3 -23.44 -8.61 -0.74
CA LYS C 3 -24.59 -9.08 0.01
C LYS C 3 -24.78 -10.58 -0.24
N LYS C 4 -25.74 -11.20 0.43
CA LYS C 4 -25.87 -12.65 0.39
C LYS C 4 -26.44 -13.19 -0.92
N LYS C 5 -27.54 -13.94 -0.85
CA LYS C 5 -28.11 -14.58 -2.03
C LYS C 5 -29.65 -14.47 -2.06
N LYS C 6 -30.18 -13.37 -1.54
CA LYS C 6 -31.63 -13.09 -1.55
C LYS C 6 -31.95 -11.81 -2.32
C1 NAG D . 3.32 8.27 14.22
C2 NAG D . 3.73 7.70 15.58
C3 NAG D . 5.11 7.05 15.57
C4 NAG D . 5.31 6.12 14.37
C5 NAG D . 4.79 6.72 13.05
C6 NAG D . 4.72 5.71 11.90
C7 NAG D . 2.85 8.73 17.61
C8 NAG D . 2.78 9.96 18.47
N2 NAG D . 3.69 8.77 16.58
O3 NAG D . 5.36 6.34 16.77
O4 NAG D . 6.70 5.81 14.31
O5 NAG D . 3.50 7.31 13.18
O6 NAG D . 3.61 4.84 11.99
O7 NAG D . 2.14 7.75 17.87
C1 NAG D . 6.89 4.40 14.42
C2 NAG D . 8.30 4.06 13.93
C3 NAG D . 8.83 2.69 14.34
C4 NAG D . 8.28 2.17 15.67
C5 NAG D . 6.81 2.54 15.86
C6 NAG D . 6.32 2.11 17.24
C7 NAG D . 9.21 5.14 12.00
C8 NAG D . 10.44 4.63 11.32
N2 NAG D . 8.39 4.23 12.51
O3 NAG D . 10.24 2.78 14.43
O4 NAG D . 8.41 0.76 15.72
O5 NAG D . 6.65 3.93 15.73
O6 NAG D . 4.91 2.23 17.27
O7 NAG D . 8.97 6.34 12.09
C1 NAG E . -5.89 3.49 -34.07
C2 NAG E . -5.12 4.52 -34.92
C3 NAG E . -3.58 4.46 -34.93
C4 NAG E . -2.94 3.67 -33.80
C5 NAG E . -3.81 2.55 -33.27
C6 NAG E . -3.23 2.17 -31.92
C7 NAG E . -6.07 3.40 -36.94
C8 NAG E . -5.37 2.07 -36.83
N2 NAG E . -5.51 4.46 -36.33
O3 NAG E . -3.10 5.79 -34.87
O4 NAG E . -1.68 3.17 -34.22
O5 NAG E . -5.13 2.95 -33.01
O6 NAG E . -3.22 3.34 -31.13
O7 NAG E . -7.12 3.53 -37.57
C1 NAG E . -0.60 3.90 -33.60
C2 NAG E . -0.11 3.19 -32.32
C3 NAG E . 0.72 1.96 -32.71
C4 NAG E . 0.60 1.74 -34.21
C5 NAG E . 1.13 2.98 -34.94
C6 NAG E . 0.94 2.89 -36.45
C7 NAG E . 0.21 4.25 -30.12
C8 NAG E . 0.13 3.02 -29.23
N2 NAG E . 0.61 4.06 -31.38
O3 NAG E . 0.26 0.81 -32.02
O4 NAG E . 1.29 0.58 -34.61
O5 NAG E . 0.51 4.15 -34.45
O6 NAG E . -0.40 3.16 -36.81
O7 NAG E . -0.09 5.36 -29.65
C1 NAG F . -15.50 12.90 -15.57
C2 NAG F . -14.97 14.34 -15.64
C3 NAG F . -15.90 15.39 -15.07
C4 NAG F . -17.39 15.10 -15.27
C5 NAG F . -17.76 13.61 -15.22
C6 NAG F . -19.18 13.44 -15.75
C7 NAG F . -12.54 14.75 -15.59
C8 NAG F . -11.32 14.06 -15.08
N2 NAG F . -13.70 14.45 -14.95
O3 NAG F . -15.59 16.60 -15.72
O4 NAG F . -18.14 15.81 -14.30
O5 NAG F . -16.86 12.81 -15.96
O6 NAG F . -19.58 12.08 -15.70
O7 NAG F . -12.43 15.54 -16.53
C1 NAG F . -19.01 16.75 -14.95
C2 NAG F . -20.19 17.05 -14.03
C3 NAG F . -20.99 18.28 -14.49
C4 NAG F . -20.08 19.43 -14.92
C5 NAG F . -19.08 18.90 -15.93
C6 NAG F . -18.17 20.02 -16.39
C7 NAG F . -21.23 15.31 -12.71
C8 NAG F . -22.09 14.09 -12.65
N2 NAG F . -21.04 15.88 -13.91
O3 NAG F . -21.93 18.73 -13.53
O4 NAG F . -20.87 20.41 -15.56
O5 NAG F . -18.29 17.91 -15.33
O6 NAG F . -17.29 20.28 -15.32
O7 NAG F . -20.71 15.74 -11.69
C1 BMA F . -21.04 21.58 -14.73
C2 BMA F . -20.58 22.79 -15.54
C3 BMA F . -20.95 24.11 -14.86
C4 BMA F . -22.40 24.09 -14.35
C5 BMA F . -22.65 22.83 -13.52
C6 BMA F . -24.07 22.76 -12.97
O2 BMA F . -21.10 22.72 -16.86
O3 BMA F . -20.71 25.20 -15.72
O4 BMA F . -22.67 25.23 -13.55
O5 BMA F . -22.40 21.70 -14.34
O6 BMA F . -24.32 21.48 -12.42
C1 NAG G . -0.03 1.59 -18.83
C2 NAG G . 0.81 2.33 -19.88
C3 NAG G . 1.01 3.82 -19.60
C4 NAG G . -0.25 4.51 -19.08
C5 NAG G . -0.98 3.65 -18.05
C6 NAG G . -2.34 4.25 -17.73
C7 NAG G . 2.54 1.07 -21.07
C8 NAG G . 3.96 0.59 -21.05
N2 NAG G . 2.12 1.70 -19.97
O3 NAG G . 1.49 4.46 -20.76
O4 NAG G . 0.14 5.78 -18.53
O5 NAG G . -1.20 2.34 -18.55
O6 NAG G . -2.99 4.57 -18.94
O7 NAG G . 1.81 0.87 -22.06
C1 NAG G . -0.68 6.88 -19.01
C2 NAG G . -0.89 7.90 -17.88
C3 NAG G . -1.44 9.22 -18.40
C4 NAG G . -0.56 9.74 -19.53
C5 NAG G . -0.53 8.68 -20.64
C6 NAG G . 0.40 9.08 -21.77
C7 NAG G . -1.21 7.13 -15.61
C8 NAG G . -2.20 6.81 -14.52
N2 NAG G . -1.72 7.43 -16.81
O3 NAG G . -1.61 10.14 -17.34
O4 NAG G . -1.04 10.98 -20.00
O5 NAG G . -0.09 7.43 -20.16
O6 NAG G . 1.73 9.00 -21.33
O7 NAG G . 0.01 7.09 -15.40
C1 BMA G . -0.20 12.03 -19.50
C2 BMA G . 0.58 12.61 -20.69
C3 BMA G . 1.31 13.90 -20.34
C4 BMA G . 0.35 14.86 -19.63
C5 BMA G . -0.22 14.15 -18.40
C6 BMA G . -1.04 15.06 -17.50
O2 BMA G . -0.34 12.84 -21.74
O3 BMA G . 1.87 14.49 -21.50
O4 BMA G . 1.01 16.06 -19.25
O5 BMA G . -0.98 13.04 -18.85
O6 BMA G . -1.53 16.20 -18.19
C1 NAG H . 2.87 -25.04 -14.02
C2 NAG H . 2.57 -26.26 -14.90
C3 NAG H . 3.05 -27.57 -14.28
C4 NAG H . 4.54 -27.44 -13.91
C5 NAG H . 4.74 -26.20 -13.00
C6 NAG H . 6.21 -25.97 -12.64
C7 NAG H . 0.75 -25.90 -16.38
C8 NAG H . 1.67 -26.22 -17.53
N2 NAG H . 1.15 -26.29 -15.18
O3 NAG H . 2.81 -28.68 -15.13
O4 NAG H . 4.98 -28.65 -13.31
O5 NAG H . 4.23 -25.03 -13.59
O6 NAG H . 6.84 -25.10 -13.56
O7 NAG H . -0.32 -25.30 -16.57
C1 NAG H . 6.30 -29.03 -13.73
C2 NAG H . 6.92 -29.90 -12.62
C3 NAG H . 7.87 -31.05 -13.04
C4 NAG H . 7.86 -31.38 -14.55
C5 NAG H . 7.56 -30.14 -15.38
C6 NAG H . 7.55 -30.45 -16.88
C7 NAG H . 7.03 -28.94 -10.39
C8 NAG H . 5.89 -29.86 -10.05
N2 NAG H . 7.55 -29.06 -11.61
O3 NAG H . 7.57 -32.20 -12.29
O4 NAG H . 9.11 -31.90 -14.93
O5 NAG H . 6.30 -29.62 -15.01
O6 NAG H . 7.60 -29.25 -17.62
O7 NAG H . 7.46 -28.11 -9.56
C1 BMA H . 9.30 -33.29 -14.58
C2 BMA H . 8.89 -34.24 -15.72
C3 BMA H . 9.95 -34.24 -16.82
C4 BMA H . 10.98 -33.13 -16.59
C5 BMA H . 11.61 -33.27 -15.19
C6 BMA H . 12.37 -32.00 -14.78
O2 BMA H . 7.63 -33.89 -16.25
O3 BMA H . 9.35 -34.06 -18.08
O4 BMA H . 12.00 -33.16 -17.58
O5 BMA H . 10.63 -33.60 -14.21
O6 BMA H . 13.17 -32.23 -13.64
C1 NAG I . 10.64 0.79 -14.75
C2 NAG I . 11.48 1.52 -15.80
C3 NAG I . 11.83 2.98 -15.51
C4 NAG I . 10.82 3.73 -14.65
C5 NAG I . 10.14 2.90 -13.56
C6 NAG I . 8.87 3.63 -13.12
C7 NAG I . 13.30 0.63 -17.14
C8 NAG I . 14.81 0.75 -17.16
N2 NAG I . 12.72 0.78 -15.96
O3 NAG I . 11.94 3.64 -16.76
O4 NAG I . 11.51 4.79 -14.01
O5 NAG I . 9.77 1.58 -13.95
O6 NAG I . 8.36 3.17 -11.89
O7 NAG I . 12.66 0.41 -18.17
C1 NAG I . 11.46 6.02 -14.78
C2 NAG I . 11.15 7.25 -13.90
C3 NAG I . 10.69 8.36 -14.83
C4 NAG I . 11.80 8.65 -15.84
C5 NAG I . 12.38 7.38 -16.50
C6 NAG I . 13.71 7.68 -17.19
C7 NAG I . 10.49 7.07 -11.56
C8 NAG I . 10.25 8.41 -10.91
N2 NAG I . 10.18 6.97 -12.85
O3 NAG I . 10.41 9.51 -14.07
O4 NAG I . 11.30 9.51 -16.84
O5 NAG I . 12.59 6.31 -15.59
O6 NAG I . 14.23 6.51 -17.77
O7 NAG I . 10.93 6.14 -10.89
C1 NAG J . 7.06 -35.56 46.29
C2 NAG J . 5.93 -36.01 47.22
C3 NAG J . 6.34 -37.35 47.83
C4 NAG J . 6.60 -38.38 46.72
C5 NAG J . 7.53 -37.87 45.61
C6 NAG J . 7.45 -38.78 44.38
C7 NAG J . 4.52 -34.21 48.23
C8 NAG J . 4.73 -32.74 48.00
N2 NAG J . 5.62 -34.99 48.22
O3 NAG J . 5.38 -37.84 48.72
O4 NAG J . 7.12 -39.57 47.28
O5 NAG J . 7.29 -36.51 45.24
O6 NAG J . 8.04 -38.22 43.23
O7 NAG J . 3.38 -34.65 48.43
C1 NAG K . -20.17 11.35 20.64
C2 NAG K . -21.52 11.66 20.01
C3 NAG K . -22.68 11.57 21.02
C4 NAG K . -22.58 10.25 21.79
C5 NAG K . -21.20 10.10 22.42
C6 NAG K . -21.10 8.75 23.13
C7 NAG K . -20.96 14.06 19.91
C8 NAG K . -20.01 14.84 19.05
N2 NAG K . -21.53 12.97 19.37
O3 NAG K . -23.91 11.65 20.34
O4 NAG K . -23.57 10.14 22.81
O5 NAG K . -20.19 10.18 21.45
O6 NAG K . -21.54 7.75 22.23
O7 NAG K . -21.20 14.44 21.06
C1 NAG L . -10.63 31.39 -53.21
C2 NAG L . -10.80 32.92 -53.10
C3 NAG L . -9.89 33.76 -54.04
C4 NAG L . -8.44 33.30 -53.85
C5 NAG L . -8.32 31.77 -53.98
C6 NAG L . -6.92 31.37 -53.53
C7 NAG L . -12.85 33.81 -52.20
C8 NAG L . -13.98 34.76 -52.51
N2 NAG L . -12.20 33.28 -53.25
O3 NAG L . -10.00 35.18 -53.84
O4 NAG L . -7.54 33.90 -54.77
O5 NAG L . -9.25 31.01 -53.21
O6 NAG L . -6.86 29.97 -53.39
O7 NAG L . -12.53 33.57 -51.04
C1 NAG M . -29.58 6.62 -41.57
C2 NAG M . -30.58 5.53 -42.01
C3 NAG M . -29.90 4.56 -42.98
C4 NAG M . -29.41 5.32 -44.20
C5 NAG M . -28.52 6.52 -43.84
C6 NAG M . -28.38 7.44 -45.07
C7 NAG M . -31.39 5.14 -39.66
C8 NAG M . -32.58 6.01 -39.36
N2 NAG M . -31.22 4.78 -40.94
O3 NAG M . -30.81 3.55 -43.38
O4 NAG M . -28.73 4.40 -45.04
O5 NAG M . -29.01 7.27 -42.71
O6 NAG M . -27.35 8.41 -45.06
O7 NAG M . -30.63 4.78 -38.76
C1 NAG N . -15.18 10.16 -49.00
C2 NAG N . -14.33 9.71 -50.21
C3 NAG N . -15.06 10.01 -51.51
C4 NAG N . -16.39 9.28 -51.53
C5 NAG N . -17.25 9.56 -50.27
C6 NAG N . -18.37 8.50 -50.19
C7 NAG N . -12.23 10.74 -49.28
C8 NAG N . -11.45 9.75 -48.46
N2 NAG N . -12.96 10.25 -50.27
O3 NAG N . -14.29 9.61 -52.62
O4 NAG N . -17.08 9.64 -52.70
O5 NAG N . -16.49 9.57 -49.06
O6 NAG N . -19.45 8.78 -49.31
O7 NAG N . -12.14 11.96 -49.04
C01 PXS O . -14.17 -17.68 18.95
C02 PXS O . -14.83 -16.66 18.03
C03 PXS O . -14.77 -15.20 18.47
C04 PXS O . -15.58 -14.22 17.63
C05 PXS O . -15.00 -12.80 17.57
C06 PXS O . -15.69 -11.80 16.64
C07 PXS O . -14.77 -11.10 15.62
C08 PXS O . -15.34 -9.85 14.90
C09 PXS O . -14.56 -9.35 13.66
C10 PXS O . -15.07 -8.06 12.98
C11 PXS O . -13.99 -7.24 12.26
C12 PXS O . -14.46 -6.23 11.19
C13 PXS O . -13.45 -6.01 10.04
C14 PXS O . -13.70 -4.85 9.06
C15 PXS O . -13.45 -5.25 7.58
C16 PXS O . -14.71 -5.39 6.70
O17 PXS O . -14.67 -6.19 5.55
C18 PXS O . -15.37 -5.73 4.41
C19 PXS O . -14.93 -6.28 3.04
C20 PXS O . -16.05 -6.72 2.35
O21 PXS O . -14.11 -7.26 3.30
C22 PXS O . -12.74 -7.04 3.06
C23 PXS O . -11.81 -8.27 3.13
C24 PXS O . -10.48 -8.10 3.90
C25 PXS O . -10.56 -7.91 5.44
C26 PXS O . -11.82 -8.42 6.16
C27 PXS O . -11.64 -9.80 6.82
C28 PXS O . -11.57 -9.83 8.36
C29 PXS O . -12.89 -10.18 9.08
C30 PXS O . -12.89 -11.51 9.87
C31 PXS O . -13.54 -11.47 11.27
C32 PXS O . -13.49 -12.79 12.06
C33 PXS O . -12.19 -13.60 11.95
C34 PXS O . -12.06 -14.79 12.93
C35 PXS O . -12.32 -16.18 12.33
C36 PXS O . -13.65 -16.87 12.72
C37 PXS O . -13.83 -18.30 12.21
O38 PXS O . -12.37 -5.96 2.73
O39 PXS O . -15.71 -4.79 6.98
#